data_3FDT
# 
_entry.id   3FDT 
# 
_audit_conform.dict_name       mmcif_pdbx.dic 
_audit_conform.dict_version    5.378 
_audit_conform.dict_location   http://mmcif.pdb.org/dictionaries/ascii/mmcif_pdbx.dic 
# 
loop_
_database_2.database_id 
_database_2.database_code 
_database_2.pdbx_database_accession 
_database_2.pdbx_DOI 
PDB   3FDT         pdb_00003fdt 10.2210/pdb3fdt/pdb 
RCSB  RCSB050465   ?            ?                   
WWPDB D_1000050465 ?            ?                   
# 
_pdbx_database_status.entry_id                        3FDT 
_pdbx_database_status.deposit_site                    RCSB 
_pdbx_database_status.process_site                    RCSB 
_pdbx_database_status.recvd_initial_deposition_date   2008-11-26 
_pdbx_database_status.status_code                     REL 
_pdbx_database_status.status_code_sf                  REL 
_pdbx_database_status.status_code_mr                  ? 
_pdbx_database_status.SG_entry                        Y 
_pdbx_database_status.status_code_cs                  ? 
_pdbx_database_status.pdb_format_compatible           Y 
_pdbx_database_status.methods_development_category    ? 
_pdbx_database_status.status_code_nmr_data            ? 
# 
loop_
_audit_author.name 
_audit_author.pdbx_ordinal 
'Amaya, M.F.'                          1  
'Ravichandran, M.'                     2  
'Loppnau, P.'                          3  
'Kozieradzki, I.'                      4  
'Edwards, A.M.'                        5  
'Arrowsmith, C.H.'                     6  
'Weigelt, J.'                          7  
'Bountra, C.'                          8  
'Bochkarev, A.'                        9  
'Min, J.'                              10 
'Ouyang, H.'                           11 
'Structural Genomics Consortium (SGC)' 12 
# 
_citation.id                        primary 
_citation.title                     'Recognition and specificity determinants of the human cbx chromodomains.' 
_citation.journal_abbrev            J.Biol.Chem. 
_citation.journal_volume            286 
_citation.page_first                521 
_citation.page_last                 529 
_citation.year                      2011 
_citation.journal_id_ASTM           JBCHA3 
_citation.country                   US 
_citation.journal_id_ISSN           0021-9258 
_citation.journal_id_CSD            0071 
_citation.book_publisher            ? 
_citation.pdbx_database_id_PubMed   21047797 
_citation.pdbx_database_id_DOI      10.1074/jbc.M110.191411 
# 
loop_
_citation_author.citation_id 
_citation_author.name 
_citation_author.ordinal 
_citation_author.identifier_ORCID 
primary 'Kaustov, L.'      1  ? 
primary 'Ouyang, H.'       2  ? 
primary 'Amaya, M.'        3  ? 
primary 'Lemak, A.'        4  ? 
primary 'Nady, N.'         5  ? 
primary 'Duan, S.'         6  ? 
primary 'Wasney, G.A.'     7  ? 
primary 'Li, Z.'           8  ? 
primary 'Vedadi, M.'       9  ? 
primary 'Schapira, M.'     10 ? 
primary 'Min, J.'          11 ? 
primary 'Arrowsmith, C.H.' 12 ? 
# 
_cell.entry_id           3FDT 
_cell.length_a           73.123 
_cell.length_b           73.123 
_cell.length_c           28.413 
_cell.angle_alpha        90.00 
_cell.angle_beta         90.00 
_cell.angle_gamma        90.00 
_cell.Z_PDB              8 
_cell.pdbx_unique_axis   ? 
_cell.length_a_esd       ? 
_cell.length_b_esd       ? 
_cell.length_c_esd       ? 
_cell.angle_alpha_esd    ? 
_cell.angle_beta_esd     ? 
_cell.angle_gamma_esd    ? 
# 
_symmetry.entry_id                         3FDT 
_symmetry.space_group_name_H-M             'P 41 21 2' 
_symmetry.pdbx_full_space_group_name_H-M   ? 
_symmetry.cell_setting                     ? 
_symmetry.Int_Tables_number                92 
_symmetry.space_group_name_Hall            ? 
# 
loop_
_entity.id 
_entity.type 
_entity.src_method 
_entity.pdbx_description 
_entity.formula_weight 
_entity.pdbx_number_of_molecules 
_entity.pdbx_ec 
_entity.pdbx_mutation 
_entity.pdbx_fragment 
_entity.details 
1 polymer man 'Chromobox protein homolog 5' 7205.307 1  ? ? ? ? 
2 polymer syn 'H3K9(me)3 peptide'           1607.877 1  ? ? ? ? 
3 water   nat water                         18.015   34 ? ? ? ? 
# 
_entity_name_com.entity_id   1 
_entity_name_com.name        'Heterochromatin protein 1 homolog alpha, HP1 alpha, Antigen p25' 
# 
loop_
_entity_poly.entity_id 
_entity_poly.type 
_entity_poly.nstd_linkage 
_entity_poly.nstd_monomer 
_entity_poly.pdbx_seq_one_letter_code 
_entity_poly.pdbx_seq_one_letter_code_can 
_entity_poly.pdbx_strand_id 
_entity_poly.pdbx_target_identifier 
1 'polypeptide(L)' no no  GEEYVVEKVLDRRVVKGQVEYLLKWKGFSEEHNTWEPEKNLDCPELISEFMKKYKKMKE 
GEEYVVEKVLDRRVVKGQVEYLLKWKGFSEEHNTWEPEKNLDCPELISEFMKKYKKMKE A ? 
2 'polypeptide(L)' no yes 'ARTKQTAR(M3L)STGGKA'                                       ARTKQTARKSTGGKA T ? 
# 
loop_
_entity_poly_seq.entity_id 
_entity_poly_seq.num 
_entity_poly_seq.mon_id 
_entity_poly_seq.hetero 
1 1  GLY n 
1 2  GLU n 
1 3  GLU n 
1 4  TYR n 
1 5  VAL n 
1 6  VAL n 
1 7  GLU n 
1 8  LYS n 
1 9  VAL n 
1 10 LEU n 
1 11 ASP n 
1 12 ARG n 
1 13 ARG n 
1 14 VAL n 
1 15 VAL n 
1 16 LYS n 
1 17 GLY n 
1 18 GLN n 
1 19 VAL n 
1 20 GLU n 
1 21 TYR n 
1 22 LEU n 
1 23 LEU n 
1 24 LYS n 
1 25 TRP n 
1 26 LYS n 
1 27 GLY n 
1 28 PHE n 
1 29 SER n 
1 30 GLU n 
1 31 GLU n 
1 32 HIS n 
1 33 ASN n 
1 34 THR n 
1 35 TRP n 
1 36 GLU n 
1 37 PRO n 
1 38 GLU n 
1 39 LYS n 
1 40 ASN n 
1 41 LEU n 
1 42 ASP n 
1 43 CYS n 
1 44 PRO n 
1 45 GLU n 
1 46 LEU n 
1 47 ILE n 
1 48 SER n 
1 49 GLU n 
1 50 PHE n 
1 51 MET n 
1 52 LYS n 
1 53 LYS n 
1 54 TYR n 
1 55 LYS n 
1 56 LYS n 
1 57 MET n 
1 58 LYS n 
1 59 GLU n 
2 1  ALA n 
2 2  ARG n 
2 3  THR n 
2 4  LYS n 
2 5  GLN n 
2 6  THR n 
2 7  ALA n 
2 8  ARG n 
2 9  M3L n 
2 10 SER n 
2 11 THR n 
2 12 GLY n 
2 13 GLY n 
2 14 LYS n 
2 15 ALA n 
# 
_entity_src_gen.entity_id                          1 
_entity_src_gen.pdbx_src_id                        1 
_entity_src_gen.pdbx_alt_source_flag               sample 
_entity_src_gen.pdbx_seq_type                      ? 
_entity_src_gen.pdbx_beg_seq_num                   ? 
_entity_src_gen.pdbx_end_seq_num                   ? 
_entity_src_gen.gene_src_common_name               human 
_entity_src_gen.gene_src_genus                     ? 
_entity_src_gen.pdbx_gene_src_gene                 'CBX5, HP1A' 
_entity_src_gen.gene_src_species                   ? 
_entity_src_gen.gene_src_strain                    ? 
_entity_src_gen.gene_src_tissue                    ? 
_entity_src_gen.gene_src_tissue_fraction           ? 
_entity_src_gen.gene_src_details                   ? 
_entity_src_gen.pdbx_gene_src_fragment             ? 
_entity_src_gen.pdbx_gene_src_scientific_name      'Homo sapiens' 
_entity_src_gen.pdbx_gene_src_ncbi_taxonomy_id     9606 
_entity_src_gen.pdbx_gene_src_variant              ? 
_entity_src_gen.pdbx_gene_src_cell_line            ? 
_entity_src_gen.pdbx_gene_src_atcc                 ? 
_entity_src_gen.pdbx_gene_src_organ                ? 
_entity_src_gen.pdbx_gene_src_organelle            ? 
_entity_src_gen.pdbx_gene_src_cell                 ? 
_entity_src_gen.pdbx_gene_src_cellular_location    ? 
_entity_src_gen.host_org_common_name               ? 
_entity_src_gen.pdbx_host_org_scientific_name      'Escherichia coli' 
_entity_src_gen.pdbx_host_org_ncbi_taxonomy_id     562 
_entity_src_gen.host_org_genus                     ? 
_entity_src_gen.pdbx_host_org_gene                 ? 
_entity_src_gen.pdbx_host_org_organ                ? 
_entity_src_gen.host_org_species                   ? 
_entity_src_gen.pdbx_host_org_tissue               ? 
_entity_src_gen.pdbx_host_org_tissue_fraction      ? 
_entity_src_gen.pdbx_host_org_strain               ? 
_entity_src_gen.pdbx_host_org_variant              ? 
_entity_src_gen.pdbx_host_org_cell_line            ? 
_entity_src_gen.pdbx_host_org_atcc                 ? 
_entity_src_gen.pdbx_host_org_culture_collection   ? 
_entity_src_gen.pdbx_host_org_cell                 ? 
_entity_src_gen.pdbx_host_org_organelle            ? 
_entity_src_gen.pdbx_host_org_cellular_location    ? 
_entity_src_gen.pdbx_host_org_vector_type          ? 
_entity_src_gen.pdbx_host_org_vector               ? 
_entity_src_gen.host_org_details                   ? 
_entity_src_gen.expression_system_id               ? 
_entity_src_gen.plasmid_name                       ? 
_entity_src_gen.plasmid_details                    ? 
_entity_src_gen.pdbx_description                   ? 
# 
_pdbx_entity_src_syn.entity_id              2 
_pdbx_entity_src_syn.pdbx_src_id            1 
_pdbx_entity_src_syn.pdbx_alt_source_flag   sample 
_pdbx_entity_src_syn.pdbx_beg_seq_num       ? 
_pdbx_entity_src_syn.pdbx_end_seq_num       ? 
_pdbx_entity_src_syn.organism_scientific    'synthetic construct' 
_pdbx_entity_src_syn.organism_common_name   ? 
_pdbx_entity_src_syn.ncbi_taxonomy_id       32630 
_pdbx_entity_src_syn.details                ? 
# 
loop_
_struct_ref.id 
_struct_ref.db_name 
_struct_ref.db_code 
_struct_ref.pdbx_db_accession 
_struct_ref.entity_id 
_struct_ref.pdbx_seq_one_letter_code 
_struct_ref.pdbx_align_begin 
_struct_ref.pdbx_db_isoform 
1 UNP CBX5_HUMAN   P45973 1 EEYVVEKVLDRRVVKGQVEYLLKWKGFSEEHNTWEPEKNLDCPELISEFMKKYKKMKE 18 ? 
2 UNP Q3BDD9_9INSE Q3BDD9 2 ARTKQTARXSTGGKA                                            2  ? 
# 
loop_
_struct_ref_seq.align_id 
_struct_ref_seq.ref_id 
_struct_ref_seq.pdbx_PDB_id_code 
_struct_ref_seq.pdbx_strand_id 
_struct_ref_seq.seq_align_beg 
_struct_ref_seq.pdbx_seq_align_beg_ins_code 
_struct_ref_seq.seq_align_end 
_struct_ref_seq.pdbx_seq_align_end_ins_code 
_struct_ref_seq.pdbx_db_accession 
_struct_ref_seq.db_align_beg 
_struct_ref_seq.pdbx_db_align_beg_ins_code 
_struct_ref_seq.db_align_end 
_struct_ref_seq.pdbx_db_align_end_ins_code 
_struct_ref_seq.pdbx_auth_seq_align_beg 
_struct_ref_seq.pdbx_auth_seq_align_end 
1 1 3FDT A 2 ? 59 ? P45973 18 ? 75 ? 2  59 
2 2 3FDT T 1 ? 15 ? Q3BDD9 2  ? 16 ? 10 24 
# 
_struct_ref_seq_dif.align_id                     1 
_struct_ref_seq_dif.pdbx_pdb_id_code             3FDT 
_struct_ref_seq_dif.mon_id                       GLY 
_struct_ref_seq_dif.pdbx_pdb_strand_id           A 
_struct_ref_seq_dif.seq_num                      1 
_struct_ref_seq_dif.pdbx_pdb_ins_code            ? 
_struct_ref_seq_dif.pdbx_seq_db_name             UNP 
_struct_ref_seq_dif.pdbx_seq_db_accession_code   P45973 
_struct_ref_seq_dif.db_mon_id                    ? 
_struct_ref_seq_dif.pdbx_seq_db_seq_num          ? 
_struct_ref_seq_dif.details                      insertion 
_struct_ref_seq_dif.pdbx_auth_seq_num            1 
_struct_ref_seq_dif.pdbx_ordinal                 1 
# 
loop_
_chem_comp.id 
_chem_comp.type 
_chem_comp.mon_nstd_flag 
_chem_comp.name 
_chem_comp.pdbx_synonyms 
_chem_comp.formula 
_chem_comp.formula_weight 
ALA 'L-peptide linking' y ALANINE           ? 'C3 H7 N O2'     89.093  
ARG 'L-peptide linking' y ARGININE          ? 'C6 H15 N4 O2 1' 175.209 
ASN 'L-peptide linking' y ASPARAGINE        ? 'C4 H8 N2 O3'    132.118 
ASP 'L-peptide linking' y 'ASPARTIC ACID'   ? 'C4 H7 N O4'     133.103 
CYS 'L-peptide linking' y CYSTEINE          ? 'C3 H7 N O2 S'   121.158 
GLN 'L-peptide linking' y GLUTAMINE         ? 'C5 H10 N2 O3'   146.144 
GLU 'L-peptide linking' y 'GLUTAMIC ACID'   ? 'C5 H9 N O4'     147.129 
GLY 'peptide linking'   y GLYCINE           ? 'C2 H5 N O2'     75.067  
HIS 'L-peptide linking' y HISTIDINE         ? 'C6 H10 N3 O2 1' 156.162 
HOH non-polymer         . WATER             ? 'H2 O'           18.015  
ILE 'L-peptide linking' y ISOLEUCINE        ? 'C6 H13 N O2'    131.173 
LEU 'L-peptide linking' y LEUCINE           ? 'C6 H13 N O2'    131.173 
LYS 'L-peptide linking' y LYSINE            ? 'C6 H15 N2 O2 1' 147.195 
M3L 'L-peptide linking' n N-TRIMETHYLLYSINE ? 'C9 H21 N2 O2 1' 189.275 
MET 'L-peptide linking' y METHIONINE        ? 'C5 H11 N O2 S'  149.211 
PHE 'L-peptide linking' y PHENYLALANINE     ? 'C9 H11 N O2'    165.189 
PRO 'L-peptide linking' y PROLINE           ? 'C5 H9 N O2'     115.130 
SER 'L-peptide linking' y SERINE            ? 'C3 H7 N O3'     105.093 
THR 'L-peptide linking' y THREONINE         ? 'C4 H9 N O3'     119.119 
TRP 'L-peptide linking' y TRYPTOPHAN        ? 'C11 H12 N2 O2'  204.225 
TYR 'L-peptide linking' y TYROSINE          ? 'C9 H11 N O3'    181.189 
VAL 'L-peptide linking' y VALINE            ? 'C5 H11 N O2'    117.146 
# 
_exptl.entry_id          3FDT 
_exptl.method            'X-RAY DIFFRACTION' 
_exptl.crystals_number   1 
# 
_exptl_crystal.id                    1 
_exptl_crystal.density_meas          ? 
_exptl_crystal.density_Matthews      2.15 
_exptl_crystal.density_percent_sol   42.92 
_exptl_crystal.description           ? 
_exptl_crystal.F_000                 ? 
_exptl_crystal.preparation           ? 
# 
_exptl_crystal_grow.crystal_id      1 
_exptl_crystal_grow.method          'VAPOR DIFFUSION, HANGING DROP' 
_exptl_crystal_grow.temp            298 
_exptl_crystal_grow.temp_details    ? 
_exptl_crystal_grow.pH              8.5 
_exptl_crystal_grow.pdbx_pH_range   ? 
_exptl_crystal_grow.pdbx_details    '35% PEG 400, 0.2M Na Cl, 0.1M Tris (pH 8.5), VAPOR DIFFUSION, HANGING DROP, temperature 298K' 
# 
_diffrn.id                     1 
_diffrn.ambient_temp           200 
_diffrn.ambient_temp_details   ? 
_diffrn.crystal_id             1 
# 
_diffrn_detector.diffrn_id              1 
_diffrn_detector.detector               ? 
_diffrn_detector.type                   ? 
_diffrn_detector.pdbx_collection_date   2008-11-14 
_diffrn_detector.details                ? 
# 
_diffrn_radiation.diffrn_id                        1 
_diffrn_radiation.wavelength_id                    1 
_diffrn_radiation.pdbx_monochromatic_or_laue_m_l   M 
_diffrn_radiation.monochromator                    ? 
_diffrn_radiation.pdbx_diffrn_protocol             'SINGLE WAVELENGTH' 
_diffrn_radiation.pdbx_scattering_type             x-ray 
# 
_diffrn_radiation_wavelength.id           1 
_diffrn_radiation_wavelength.wavelength   0.97948 
_diffrn_radiation_wavelength.wt           1.0 
# 
_diffrn_source.diffrn_id                   1 
_diffrn_source.source                      SYNCHROTRON 
_diffrn_source.type                        'APS BEAMLINE 23-ID-B' 
_diffrn_source.pdbx_synchrotron_site       APS 
_diffrn_source.pdbx_synchrotron_beamline   23-ID-B 
_diffrn_source.pdbx_wavelength             ? 
_diffrn_source.pdbx_wavelength_list        0.97948 
# 
_reflns.entry_id                     3FDT 
_reflns.observed_criterion_sigma_I   ? 
_reflns.observed_criterion_sigma_F   ? 
_reflns.d_resolution_low             100.0 
_reflns.d_resolution_high            2.000 
_reflns.number_obs                   5592 
_reflns.number_all                   ? 
_reflns.percent_possible_obs         99.600 
_reflns.pdbx_Rmerge_I_obs            0.086 
_reflns.pdbx_Rsym_value              ? 
_reflns.pdbx_netI_over_sigmaI        ? 
_reflns.B_iso_Wilson_estimate        ? 
_reflns.pdbx_redundancy              12.100 
_reflns.R_free_details               ? 
_reflns.limit_h_max                  ? 
_reflns.limit_h_min                  ? 
_reflns.limit_k_max                  ? 
_reflns.limit_k_min                  ? 
_reflns.limit_l_max                  ? 
_reflns.limit_l_min                  ? 
_reflns.observed_criterion_F_max     ? 
_reflns.observed_criterion_F_min     ? 
_reflns.pdbx_chi_squared             ? 
_reflns.pdbx_scaling_rejects         ? 
_reflns.pdbx_diffrn_id               1 
_reflns.pdbx_ordinal                 1 
# 
loop_
_reflns_shell.d_res_high 
_reflns_shell.d_res_low 
_reflns_shell.percent_possible_all 
_reflns_shell.Rmerge_I_obs 
_reflns_shell.pdbx_Rsym_value 
_reflns_shell.meanI_over_sigI_obs 
_reflns_shell.pdbx_redundancy 
_reflns_shell.percent_possible_obs 
_reflns_shell.number_unique_all 
_reflns_shell.number_measured_all 
_reflns_shell.number_measured_obs 
_reflns_shell.number_unique_obs 
_reflns_shell.pdbx_chi_squared 
_reflns_shell.pdbx_diffrn_id 
_reflns_shell.pdbx_ordinal 
2.00 2.07   96.90  0.381 ? ? 6.70  ? ? ? ? ? ? ? 1  
2.07 2.15   100.00 0.336 ? ? 9.40  ? ? ? ? ? ? ? 2  
2.15 2.25   100.00 0.274 ? ? 11.40 ? ? ? ? ? ? ? 3  
2.25 2.37   100.00 0.244 ? ? 12.60 ? ? ? ? ? ? ? 4  
2.37 2.52   100.00 0.190 ? ? 13.70 ? ? ? ? ? ? ? 5  
2.52 2.71   100.00 0.149 ? ? 13.90 ? ? ? ? ? ? ? 6  
2.71 2.99   100.00 0.113 ? ? 13.90 ? ? ? ? ? ? ? 7  
2.99 3.42   100.00 0.084 ? ? 13.80 ? ? ? ? ? ? ? 8  
3.42 4.31   100.00 0.067 ? ? 13.20 ? ? ? ? ? ? ? 9  
4.31 100.00 99.50  0.067 ? ? 12.10 ? ? ? ? ? ? ? 10 
# 
_refine.entry_id                                 3FDT 
_refine.ls_number_reflns_obs                     5310 
_refine.ls_number_reflns_all                     ? 
_refine.pdbx_ls_sigma_I                          ? 
_refine.pdbx_ls_sigma_F                          ? 
_refine.pdbx_data_cutoff_high_absF               ? 
_refine.pdbx_data_cutoff_low_absF                ? 
_refine.pdbx_data_cutoff_high_rms_absF           ? 
_refine.ls_d_res_low                             51.71 
_refine.ls_d_res_high                            2.00 
_refine.ls_percent_reflns_obs                    99.62 
_refine.ls_R_factor_obs                          0.19928 
_refine.ls_R_factor_all                          ? 
_refine.ls_R_factor_R_work                       0.19665 
_refine.ls_R_factor_R_free                       0.25739 
_refine.ls_R_factor_R_free_error                 ? 
_refine.ls_R_factor_R_free_error_details         ? 
_refine.ls_percent_reflns_R_free                 4.5 
_refine.ls_number_reflns_R_free                  253 
_refine.ls_number_parameters                     ? 
_refine.ls_number_restraints                     ? 
_refine.occupancy_min                            0.50 
_refine.occupancy_max                            1.00 
_refine.correlation_coeff_Fo_to_Fc               0.954 
_refine.correlation_coeff_Fo_to_Fc_free          0.919 
_refine.B_iso_mean                               32.037 
_refine.aniso_B[1][1]                            0.66 
_refine.aniso_B[2][2]                            0.66 
_refine.aniso_B[3][3]                            -1.32 
_refine.aniso_B[1][2]                            0.00 
_refine.aniso_B[1][3]                            0.00 
_refine.aniso_B[2][3]                            0.00 
_refine.solvent_model_details                    MASK 
_refine.solvent_model_param_ksol                 ? 
_refine.solvent_model_param_bsol                 ? 
_refine.pdbx_solvent_vdw_probe_radii             1.20 
_refine.pdbx_solvent_ion_probe_radii             0.80 
_refine.pdbx_solvent_shrinkage_radii             0.80 
_refine.pdbx_ls_cross_valid_method               THROUGHOUT 
_refine.details                                  'HYDROGENS HAVE BEEN ADDED IN THE RIDING POSITIONS' 
_refine.pdbx_starting_model                      3F2U 
_refine.pdbx_method_to_determine_struct          'MOLECULAR REPLACEMENT' 
_refine.pdbx_isotropic_thermal_model             ? 
_refine.pdbx_stereochemistry_target_values       'MAXIMUM LIKELIHOOD' 
_refine.pdbx_stereochem_target_val_spec_case     ? 
_refine.pdbx_R_Free_selection_details            RANDOM 
_refine.pdbx_overall_ESU_R                       0.163 
_refine.pdbx_overall_ESU_R_Free                  0.165 
_refine.overall_SU_ML                            0.100 
_refine.pdbx_overall_phase_error                 ? 
_refine.overall_SU_B                             3.651 
_refine.ls_redundancy_reflns_obs                 ? 
_refine.B_iso_min                                ? 
_refine.B_iso_max                                ? 
_refine.overall_SU_R_Cruickshank_DPI             ? 
_refine.overall_SU_R_free                        ? 
_refine.ls_wR_factor_R_free                      ? 
_refine.ls_wR_factor_R_work                      ? 
_refine.overall_FOM_free_R_set                   ? 
_refine.overall_FOM_work_R_set                   ? 
_refine.pdbx_refine_id                           'X-RAY DIFFRACTION' 
_refine.pdbx_diffrn_id                           1 
_refine.pdbx_TLS_residual_ADP_flag               ? 
_refine.pdbx_overall_SU_R_free_Cruickshank_DPI   ? 
_refine.pdbx_overall_SU_R_Blow_DPI               ? 
_refine.pdbx_overall_SU_R_free_Blow_DPI          ? 
# 
_refine_hist.pdbx_refine_id                   'X-RAY DIFFRACTION' 
_refine_hist.cycle_id                         LAST 
_refine_hist.pdbx_number_atoms_protein        495 
_refine_hist.pdbx_number_atoms_nucleic_acid   0 
_refine_hist.pdbx_number_atoms_ligand         0 
_refine_hist.number_atoms_solvent             34 
_refine_hist.number_atoms_total               529 
_refine_hist.d_res_high                       2.00 
_refine_hist.d_res_low                        51.71 
# 
loop_
_refine_ls_restr.type 
_refine_ls_restr.dev_ideal 
_refine_ls_restr.dev_ideal_target 
_refine_ls_restr.weight 
_refine_ls_restr.number 
_refine_ls_restr.pdbx_refine_id 
_refine_ls_restr.pdbx_restraint_function 
r_bond_refined_d             0.017  0.022  ? 504 'X-RAY DIFFRACTION' ? 
r_bond_other_d               ?      ?      ? ?   'X-RAY DIFFRACTION' ? 
r_angle_refined_deg          1.883  1.968  ? 681 'X-RAY DIFFRACTION' ? 
r_angle_other_deg            ?      ?      ? ?   'X-RAY DIFFRACTION' ? 
r_dihedral_angle_1_deg       7.070  5.000  ? 59  'X-RAY DIFFRACTION' ? 
r_dihedral_angle_2_deg       25.555 24.583 ? 24  'X-RAY DIFFRACTION' ? 
r_dihedral_angle_3_deg       14.443 15.000 ? 87  'X-RAY DIFFRACTION' ? 
r_dihedral_angle_4_deg       22.139 15.000 ? 3   'X-RAY DIFFRACTION' ? 
r_chiral_restr               0.119  0.200  ? 75  'X-RAY DIFFRACTION' ? 
r_gen_planes_refined         0.006  0.020  ? 371 'X-RAY DIFFRACTION' ? 
r_gen_planes_other           ?      ?      ? ?   'X-RAY DIFFRACTION' ? 
r_nbd_refined                0.210  0.200  ? 196 'X-RAY DIFFRACTION' ? 
r_nbd_other                  ?      ?      ? ?   'X-RAY DIFFRACTION' ? 
r_nbtor_refined              0.312  0.200  ? 350 'X-RAY DIFFRACTION' ? 
r_nbtor_other                ?      ?      ? ?   'X-RAY DIFFRACTION' ? 
r_xyhbond_nbd_refined        0.148  0.200  ? 17  'X-RAY DIFFRACTION' ? 
r_xyhbond_nbd_other          ?      ?      ? ?   'X-RAY DIFFRACTION' ? 
r_metal_ion_refined          ?      ?      ? ?   'X-RAY DIFFRACTION' ? 
r_metal_ion_other            ?      ?      ? ?   'X-RAY DIFFRACTION' ? 
r_symmetry_vdw_refined       0.185  0.200  ? 34  'X-RAY DIFFRACTION' ? 
r_symmetry_vdw_other         ?      ?      ? ?   'X-RAY DIFFRACTION' ? 
r_symmetry_hbond_refined     0.288  0.200  ? 12  'X-RAY DIFFRACTION' ? 
r_symmetry_hbond_other       ?      ?      ? ?   'X-RAY DIFFRACTION' ? 
r_symmetry_metal_ion_refined ?      ?      ? ?   'X-RAY DIFFRACTION' ? 
r_symmetry_metal_ion_other   ?      ?      ? ?   'X-RAY DIFFRACTION' ? 
r_mcbond_it                  1.053  1.500  ? 308 'X-RAY DIFFRACTION' ? 
r_mcbond_other               ?      ?      ? ?   'X-RAY DIFFRACTION' ? 
r_mcangle_it                 1.961  2.000  ? 484 'X-RAY DIFFRACTION' ? 
r_scbond_it                  3.395  3.000  ? 224 'X-RAY DIFFRACTION' ? 
r_scangle_it                 5.900  4.500  ? 197 'X-RAY DIFFRACTION' ? 
r_rigid_bond_restr           ?      ?      ? ?   'X-RAY DIFFRACTION' ? 
r_sphericity_free            ?      ?      ? ?   'X-RAY DIFFRACTION' ? 
r_sphericity_bonded          ?      ?      ? ?   'X-RAY DIFFRACTION' ? 
# 
_refine_ls_shell.pdbx_total_number_of_bins_used   20 
_refine_ls_shell.d_res_high                       1.999 
_refine_ls_shell.d_res_low                        2.050 
_refine_ls_shell.number_reflns_R_work             362 
_refine_ls_shell.R_factor_R_work                  0.241 
_refine_ls_shell.percent_reflns_obs               96.00 
_refine_ls_shell.R_factor_R_free                  0.263 
_refine_ls_shell.R_factor_R_free_error            ? 
_refine_ls_shell.percent_reflns_R_free            ? 
_refine_ls_shell.number_reflns_R_free             22 
_refine_ls_shell.number_reflns_all                ? 
_refine_ls_shell.R_factor_all                     ? 
_refine_ls_shell.redundancy_reflns_obs            ? 
_refine_ls_shell.number_reflns_obs                ? 
_refine_ls_shell.pdbx_refine_id                   'X-RAY DIFFRACTION' 
# 
_struct.entry_id                  3FDT 
_struct.title                     'Crystal structure of the complex of human chromobox homolog 5 (CBX5) with H3K9(me)3 peptide' 
_struct.pdbx_model_details        ? 
_struct.pdbx_CASP_flag            ? 
_struct.pdbx_model_type_details   ? 
# 
_struct_keywords.entry_id        3FDT 
_struct_keywords.pdbx_keywords   'PROTEIN BINDING' 
_struct_keywords.text            
;chromobox homolog5, CBX5, H3K9(me)3 peptide, Structural Genomics, Structural Genomics Consortium, SGC, Centromere, Nucleus, Phosphoprotein, Chromosomal protein, DNA-binding, Nucleosome core, PROTEIN BINDING
;
# 
loop_
_struct_asym.id 
_struct_asym.pdbx_blank_PDB_chainid_flag 
_struct_asym.pdbx_modified 
_struct_asym.entity_id 
_struct_asym.details 
A N N 1 ? 
B N N 2 ? 
C N N 3 ? 
D N N 3 ? 
# 
loop_
_struct_conf.conf_type_id 
_struct_conf.id 
_struct_conf.pdbx_PDB_helix_id 
_struct_conf.beg_label_comp_id 
_struct_conf.beg_label_asym_id 
_struct_conf.beg_label_seq_id 
_struct_conf.pdbx_beg_PDB_ins_code 
_struct_conf.end_label_comp_id 
_struct_conf.end_label_asym_id 
_struct_conf.end_label_seq_id 
_struct_conf.pdbx_end_PDB_ins_code 
_struct_conf.beg_auth_comp_id 
_struct_conf.beg_auth_asym_id 
_struct_conf.beg_auth_seq_id 
_struct_conf.end_auth_comp_id 
_struct_conf.end_auth_asym_id 
_struct_conf.end_auth_seq_id 
_struct_conf.pdbx_PDB_helix_class 
_struct_conf.details 
_struct_conf.pdbx_PDB_helix_length 
HELX_P HELX_P1 1 SER A 29 ? ASN A 33 ? SER A 29 ASN A 33 5 ? 5  
HELX_P HELX_P2 2 CYS A 43 ? LYS A 52 ? CYS A 43 LYS A 52 1 ? 10 
# 
_struct_conf_type.id          HELX_P 
_struct_conf_type.criteria    ? 
_struct_conf_type.reference   ? 
# 
loop_
_struct_conn.id 
_struct_conn.conn_type_id 
_struct_conn.pdbx_leaving_atom_flag 
_struct_conn.pdbx_PDB_id 
_struct_conn.ptnr1_label_asym_id 
_struct_conn.ptnr1_label_comp_id 
_struct_conn.ptnr1_label_seq_id 
_struct_conn.ptnr1_label_atom_id 
_struct_conn.pdbx_ptnr1_label_alt_id 
_struct_conn.pdbx_ptnr1_PDB_ins_code 
_struct_conn.pdbx_ptnr1_standard_comp_id 
_struct_conn.ptnr1_symmetry 
_struct_conn.ptnr2_label_asym_id 
_struct_conn.ptnr2_label_comp_id 
_struct_conn.ptnr2_label_seq_id 
_struct_conn.ptnr2_label_atom_id 
_struct_conn.pdbx_ptnr2_label_alt_id 
_struct_conn.pdbx_ptnr2_PDB_ins_code 
_struct_conn.ptnr1_auth_asym_id 
_struct_conn.ptnr1_auth_comp_id 
_struct_conn.ptnr1_auth_seq_id 
_struct_conn.ptnr2_auth_asym_id 
_struct_conn.ptnr2_auth_comp_id 
_struct_conn.ptnr2_auth_seq_id 
_struct_conn.ptnr2_symmetry 
_struct_conn.pdbx_ptnr3_label_atom_id 
_struct_conn.pdbx_ptnr3_label_seq_id 
_struct_conn.pdbx_ptnr3_label_comp_id 
_struct_conn.pdbx_ptnr3_label_asym_id 
_struct_conn.pdbx_ptnr3_label_alt_id 
_struct_conn.pdbx_ptnr3_PDB_ins_code 
_struct_conn.details 
_struct_conn.pdbx_dist_value 
_struct_conn.pdbx_value_order 
_struct_conn.pdbx_role 
covale1 covale both ? B ARG 8 C ? ? ? 1_555 B M3L 9  N ? ? T ARG 17 T M3L 18 1_555 ? ? ? ? ? ? ? 1.315 ? ? 
covale2 covale both ? B M3L 9 C ? ? ? 1_555 B SER 10 N ? ? T M3L 18 T SER 19 1_555 ? ? ? ? ? ? ? 1.327 ? ? 
# 
_struct_conn_type.id          covale 
_struct_conn_type.criteria    ? 
_struct_conn_type.reference   ? 
# 
_struct_sheet.id               A 
_struct_sheet.type             ? 
_struct_sheet.number_strands   5 
_struct_sheet.details          ? 
# 
loop_
_struct_sheet_order.sheet_id 
_struct_sheet_order.range_id_1 
_struct_sheet_order.range_id_2 
_struct_sheet_order.offset 
_struct_sheet_order.sense 
A 1 2 ? anti-parallel 
A 2 3 ? anti-parallel 
A 3 4 ? anti-parallel 
A 4 5 ? anti-parallel 
# 
loop_
_struct_sheet_range.sheet_id 
_struct_sheet_range.id 
_struct_sheet_range.beg_label_comp_id 
_struct_sheet_range.beg_label_asym_id 
_struct_sheet_range.beg_label_seq_id 
_struct_sheet_range.pdbx_beg_PDB_ins_code 
_struct_sheet_range.end_label_comp_id 
_struct_sheet_range.end_label_asym_id 
_struct_sheet_range.end_label_seq_id 
_struct_sheet_range.pdbx_end_PDB_ins_code 
_struct_sheet_range.beg_auth_comp_id 
_struct_sheet_range.beg_auth_asym_id 
_struct_sheet_range.beg_auth_seq_id 
_struct_sheet_range.end_auth_comp_id 
_struct_sheet_range.end_auth_asym_id 
_struct_sheet_range.end_auth_seq_id 
A 1 THR A 34 ? PRO A 37 ? THR A 34 PRO A 37 
A 2 GLN A 18 ? TRP A 25 ? GLN A 18 TRP A 25 
A 3 GLU A 3  ? VAL A 15 ? GLU A 3  VAL A 15 
A 4 THR B 6  ? ARG B 8  ? THR T 15 ARG T 17 
A 5 LEU A 41 ? ASP A 42 ? LEU A 41 ASP A 42 
# 
loop_
_pdbx_struct_sheet_hbond.sheet_id 
_pdbx_struct_sheet_hbond.range_id_1 
_pdbx_struct_sheet_hbond.range_id_2 
_pdbx_struct_sheet_hbond.range_1_label_atom_id 
_pdbx_struct_sheet_hbond.range_1_label_comp_id 
_pdbx_struct_sheet_hbond.range_1_label_asym_id 
_pdbx_struct_sheet_hbond.range_1_label_seq_id 
_pdbx_struct_sheet_hbond.range_1_PDB_ins_code 
_pdbx_struct_sheet_hbond.range_1_auth_atom_id 
_pdbx_struct_sheet_hbond.range_1_auth_comp_id 
_pdbx_struct_sheet_hbond.range_1_auth_asym_id 
_pdbx_struct_sheet_hbond.range_1_auth_seq_id 
_pdbx_struct_sheet_hbond.range_2_label_atom_id 
_pdbx_struct_sheet_hbond.range_2_label_comp_id 
_pdbx_struct_sheet_hbond.range_2_label_asym_id 
_pdbx_struct_sheet_hbond.range_2_label_seq_id 
_pdbx_struct_sheet_hbond.range_2_PDB_ins_code 
_pdbx_struct_sheet_hbond.range_2_auth_atom_id 
_pdbx_struct_sheet_hbond.range_2_auth_comp_id 
_pdbx_struct_sheet_hbond.range_2_auth_asym_id 
_pdbx_struct_sheet_hbond.range_2_auth_seq_id 
A 1 2 O THR A 34 ? O THR A 34 N LEU A 23 ? N LEU A 23 
A 2 3 O LEU A 22 ? O LEU A 22 N LEU A 10 ? N LEU A 10 
A 3 4 N TYR A 4  ? N TYR A 4  O ALA B 7  ? O ALA T 16 
A 4 5 O THR B 6  ? O THR T 15 N ASP A 42 ? N ASP A 42 
# 
_atom_sites.entry_id                    3FDT 
_atom_sites.fract_transf_matrix[1][1]   0.00160059 
_atom_sites.fract_transf_matrix[1][2]   -0.01041844 
_atom_sites.fract_transf_matrix[1][3]   0.00871363 
_atom_sites.fract_transf_matrix[2][1]   -0.00219234 
_atom_sites.fract_transf_matrix[2][2]   -0.00885705 
_atom_sites.fract_transf_matrix[2][3]   -0.01018721 
_atom_sites.fract_transf_matrix[3][1]   0.03449477 
_atom_sites.fract_transf_matrix[3][2]   -0.00052645 
_atom_sites.fract_transf_matrix[3][3]   -0.00696574 
_atom_sites.fract_transf_vector[1]      0.103098 
_atom_sites.fract_transf_vector[2]      0.299809 
_atom_sites.fract_transf_vector[3]      0.331756 
# 
loop_
_atom_type.symbol 
C 
N 
O 
S 
# 
loop_
_atom_site.group_PDB 
_atom_site.id 
_atom_site.type_symbol 
_atom_site.label_atom_id 
_atom_site.label_alt_id 
_atom_site.label_comp_id 
_atom_site.label_asym_id 
_atom_site.label_entity_id 
_atom_site.label_seq_id 
_atom_site.pdbx_PDB_ins_code 
_atom_site.Cartn_x 
_atom_site.Cartn_y 
_atom_site.Cartn_z 
_atom_site.occupancy 
_atom_site.B_iso_or_equiv 
_atom_site.pdbx_formal_charge 
_atom_site.auth_seq_id 
_atom_site.auth_comp_id 
_atom_site.auth_asym_id 
_atom_site.auth_atom_id 
_atom_site.pdbx_PDB_model_num 
ATOM   1   N N   . GLU A 1 2  ? 1.162   -13.739 1.862   1.00 42.71 ? 2  GLU A N   1 
ATOM   2   C CA  . GLU A 1 2  ? 0.389   -12.552 2.362   1.00 41.06 ? 2  GLU A CA  1 
ATOM   3   C C   . GLU A 1 2  ? 1.097   -11.207 2.388   1.00 38.63 ? 2  GLU A C   1 
ATOM   4   O O   . GLU A 1 2  ? 0.406   -10.204 2.326   1.00 36.78 ? 2  GLU A O   1 
ATOM   5   C CB  . GLU A 1 2  ? -0.141  -12.778 3.730   1.00 42.23 ? 2  GLU A CB  1 
ATOM   6   C CG  . GLU A 1 2  ? -1.523  -12.347 3.792   1.00 46.13 ? 2  GLU A CG  1 
ATOM   7   C CD  . GLU A 1 2  ? -2.033  -12.369 5.194   1.00 55.02 ? 2  GLU A CD  1 
ATOM   8   O OE1 . GLU A 1 2  ? -1.251  -12.006 6.118   1.00 59.06 ? 2  GLU A OE1 1 
ATOM   9   O OE2 . GLU A 1 2  ? -3.222  -12.748 5.364   1.00 58.85 ? 2  GLU A OE2 1 
ATOM   10  N N   . GLU A 1 3  ? 2.428   -11.177 2.518   1.00 35.83 ? 3  GLU A N   1 
ATOM   11  C CA  . GLU A 1 3  ? 3.175   -9.939  2.241   1.00 34.67 ? 3  GLU A CA  1 
ATOM   12  C C   . GLU A 1 3  ? 3.548   -9.892  0.743   1.00 33.66 ? 3  GLU A C   1 
ATOM   13  O O   . GLU A 1 3  ? 3.912   -10.919 0.154   1.00 34.26 ? 3  GLU A O   1 
ATOM   14  C CB  . GLU A 1 3  ? 4.406   -9.807  3.148   1.00 34.22 ? 3  GLU A CB  1 
ATOM   15  N N   . TYR A 1 4  ? 3.404   -8.736  0.104   1.00 31.92 ? 4  TYR A N   1 
ATOM   16  C CA  . TYR A 1 4  ? 3.693   -8.604  -1.316  1.00 30.50 ? 4  TYR A CA  1 
ATOM   17  C C   . TYR A 1 4  ? 4.353   -7.263  -1.564  1.00 29.86 ? 4  TYR A C   1 
ATOM   18  O O   . TYR A 1 4  ? 4.176   -6.330  -0.802  1.00 28.85 ? 4  TYR A O   1 
ATOM   19  C CB  . TYR A 1 4  ? 2.442   -8.666  -2.179  1.00 30.51 ? 4  TYR A CB  1 
ATOM   20  C CG  . TYR A 1 4  ? 1.624   -9.931  -2.058  1.00 31.14 ? 4  TYR A CG  1 
ATOM   21  C CD1 . TYR A 1 4  ? 1.748   -10.943 -2.994  1.00 29.92 ? 4  TYR A CD1 1 
ATOM   22  C CD2 . TYR A 1 4  ? 0.690   -10.087 -1.018  1.00 29.29 ? 4  TYR A CD2 1 
ATOM   23  C CE1 . TYR A 1 4  ? 0.978   -12.113 -2.902  1.00 32.81 ? 4  TYR A CE1 1 
ATOM   24  C CE2 . TYR A 1 4  ? -0.092  -11.230 -0.912  1.00 31.10 ? 4  TYR A CE2 1 
ATOM   25  C CZ  . TYR A 1 4  ? 0.058   -12.236 -1.850  1.00 32.65 ? 4  TYR A CZ  1 
ATOM   26  O OH  . TYR A 1 4  ? -0.716  -13.365 -1.769  1.00 33.06 ? 4  TYR A OH  1 
ATOM   27  N N   . VAL A 1 5  ? 5.139   -7.184  -2.629  1.00 29.32 ? 5  VAL A N   1 
ATOM   28  C CA  . VAL A 1 5  ? 5.766   -5.945  -3.027  1.00 28.59 ? 5  VAL A CA  1 
ATOM   29  C C   . VAL A 1 5  ? 4.702   -4.988  -3.573  1.00 28.23 ? 5  VAL A C   1 
ATOM   30  O O   . VAL A 1 5  ? 3.839   -5.367  -4.391  1.00 27.28 ? 5  VAL A O   1 
ATOM   31  C CB  . VAL A 1 5  ? 6.852   -6.181  -4.135  1.00 29.34 ? 5  VAL A CB  1 
ATOM   32  C CG1 . VAL A 1 5  ? 7.482   -4.868  -4.504  1.00 28.67 ? 5  VAL A CG1 1 
ATOM   33  C CG2 . VAL A 1 5  ? 7.911   -7.135  -3.625  1.00 28.76 ? 5  VAL A CG2 1 
ATOM   34  N N   . VAL A 1 6  ? 4.783   -3.741  -3.108  1.00 28.09 ? 6  VAL A N   1 
ATOM   35  C CA  . VAL A 1 6  ? 3.882   -2.684  -3.534  1.00 26.45 ? 6  VAL A CA  1 
ATOM   36  C C   . VAL A 1 6  ? 4.539   -1.869  -4.646  1.00 27.68 ? 6  VAL A C   1 
ATOM   37  O O   . VAL A 1 6  ? 5.733   -1.516  -4.595  1.00 27.59 ? 6  VAL A O   1 
ATOM   38  C CB  . VAL A 1 6  ? 3.539   -1.768  -2.365  1.00 25.63 ? 6  VAL A CB  1 
ATOM   39  C CG1 . VAL A 1 6  ? 2.558   -0.712  -2.802  1.00 23.68 ? 6  VAL A CG1 1 
ATOM   40  C CG2 . VAL A 1 6  ? 2.989   -2.575  -1.210  1.00 25.53 ? 6  VAL A CG2 1 
ATOM   41  N N   . GLU A 1 7  ? 3.740   -1.534  -5.641  1.00 28.98 ? 7  GLU A N   1 
ATOM   42  C CA  . GLU A 1 7  ? 4.202   -0.670  -6.729  1.00 30.55 ? 7  GLU A CA  1 
ATOM   43  C C   . GLU A 1 7  ? 3.932   0.823   -6.531  1.00 29.51 ? 7  GLU A C   1 
ATOM   44  O O   . GLU A 1 7  ? 4.814   1.659   -6.784  1.00 29.46 ? 7  GLU A O   1 
ATOM   45  C CB  . GLU A 1 7  ? 3.487   -1.107  -7.984  1.00 30.33 ? 7  GLU A CB  1 
ATOM   46  C CG  . GLU A 1 7  ? 3.964   -0.404  -9.174  1.00 37.92 ? 7  GLU A CG  1 
ATOM   47  C CD  . GLU A 1 7  ? 3.325   -0.984  -10.409 1.00 46.03 ? 7  GLU A CD  1 
ATOM   48  O OE1 . GLU A 1 7  ? 2.976   -2.197  -10.413 1.00 51.14 ? 7  GLU A OE1 1 
ATOM   49  O OE2 . GLU A 1 7  ? 3.152   -0.211  -11.376 1.00 52.97 ? 7  GLU A OE2 1 
ATOM   50  N N   . LYS A 1 8  ? 2.710   1.164   -6.113  1.00 28.05 ? 8  LYS A N   1 
ATOM   51  C CA  . LYS A 1 8  ? 2.328   2.568   -5.918  1.00 27.11 ? 8  LYS A CA  1 
ATOM   52  C C   . LYS A 1 8  ? 1.209   2.645   -4.918  1.00 26.45 ? 8  LYS A C   1 
ATOM   53  O O   . LYS A 1 8  ? 0.417   1.709   -4.783  1.00 24.77 ? 8  LYS A O   1 
ATOM   54  C CB  . LYS A 1 8  ? 1.872   3.204   -7.238  1.00 28.00 ? 8  LYS A CB  1 
ATOM   55  N N   . VAL A 1 9  ? 1.164   3.741   -4.183  1.00 25.97 ? 9  VAL A N   1 
ATOM   56  C CA  . VAL A 1 9  ? 0.006   4.044   -3.311  1.00 25.36 ? 9  VAL A CA  1 
ATOM   57  C C   . VAL A 1 9  ? -0.823  5.004   -4.131  1.00 26.53 ? 9  VAL A C   1 
ATOM   58  O O   . VAL A 1 9  ? -0.300  6.022   -4.568  1.00 25.83 ? 9  VAL A O   1 
ATOM   59  C CB  . VAL A 1 9  ? 0.417   4.724   -1.967  1.00 26.24 ? 9  VAL A CB  1 
ATOM   60  C CG1 . VAL A 1 9  ? -0.818  5.304   -1.216  1.00 25.55 ? 9  VAL A CG1 1 
ATOM   61  C CG2 . VAL A 1 9  ? 1.157   3.735   -1.053  1.00 26.35 ? 9  VAL A CG2 1 
ATOM   62  N N   . LEU A 1 10 ? -2.090  4.659   -4.369  1.00 26.06 ? 10 LEU A N   1 
ATOM   63  C CA  . LEU A 1 10 ? -2.937  5.355   -5.327  1.00 27.28 ? 10 LEU A CA  1 
ATOM   64  C C   . LEU A 1 10 ? -3.910  6.289   -4.660  1.00 27.17 ? 10 LEU A C   1 
ATOM   65  O O   . LEU A 1 10 ? -4.291  7.273   -5.252  1.00 27.62 ? 10 LEU A O   1 
ATOM   66  C CB  . LEU A 1 10 ? -3.751  4.338   -6.149  1.00 26.61 ? 10 LEU A CB  1 
ATOM   67  C CG  . LEU A 1 10 ? -3.033  3.342   -7.062  1.00 28.95 ? 10 LEU A CG  1 
ATOM   68  C CD1 . LEU A 1 10 ? -3.956  2.266   -7.502  1.00 30.34 ? 10 LEU A CD1 1 
ATOM   69  C CD2 . LEU A 1 10 ? -2.503  4.015   -8.277  1.00 31.18 ? 10 LEU A CD2 1 
ATOM   70  N N   . ASP A 1 11 ? -4.355  5.962   -3.440  1.00 26.39 ? 11 ASP A N   1 
ATOM   71  C CA  . ASP A 1 11 ? -5.393  6.747   -2.809  1.00 27.75 ? 11 ASP A CA  1 
ATOM   72  C C   . ASP A 1 11 ? -5.356  6.492   -1.335  1.00 26.98 ? 11 ASP A C   1 
ATOM   73  O O   . ASP A 1 11 ? -4.739  5.550   -0.879  1.00 27.05 ? 11 ASP A O   1 
ATOM   74  C CB  . ASP A 1 11 ? -6.759  6.367   -3.398  1.00 26.50 ? 11 ASP A CB  1 
ATOM   75  C CG  . ASP A 1 11 ? -7.750  7.524   -3.402  1.00 32.39 ? 11 ASP A CG  1 
ATOM   76  O OD1 . ASP A 1 11 ? -7.432  8.635   -2.892  1.00 32.08 ? 11 ASP A OD1 1 
ATOM   77  O OD2 . ASP A 1 11 ? -8.887  7.304   -3.918  1.00 37.97 ? 11 ASP A OD2 1 
ATOM   78  N N   . ARG A 1 12 ? -6.025  7.343   -0.595  1.00 27.48 ? 12 ARG A N   1 
ATOM   79  C CA  . ARG A 1 12 ? -6.072  7.210   0.828   1.00 29.00 ? 12 ARG A CA  1 
ATOM   80  C C   . ARG A 1 12 ? -7.477  7.531   1.312   1.00 29.39 ? 12 ARG A C   1 
ATOM   81  O O   . ARG A 1 12 ? -8.134  8.436   0.765   1.00 29.22 ? 12 ARG A O   1 
ATOM   82  C CB  . ARG A 1 12 ? -5.145  8.254   1.365   1.00 29.21 ? 12 ARG A CB  1 
ATOM   83  C CG  . ARG A 1 12 ? -5.049  8.373   2.839   1.00 33.39 ? 12 ARG A CG  1 
ATOM   84  C CD  . ARG A 1 12 ? -4.242  9.611   3.088   1.00 37.15 ? 12 ARG A CD  1 
ATOM   85  N NE  . ARG A 1 12 ? -3.801  9.650   4.461   1.00 43.84 ? 12 ARG A NE  1 
ATOM   86  C CZ  . ARG A 1 12 ? -4.504  10.200  5.430   1.00 47.45 ? 12 ARG A CZ  1 
ATOM   87  N NH1 . ARG A 1 12 ? -5.684  10.748  5.156   1.00 48.40 ? 12 ARG A NH1 1 
ATOM   88  N NH2 . ARG A 1 12 ? -4.022  10.187  6.669   1.00 51.22 ? 12 ARG A NH2 1 
ATOM   89  N N   . ARG A 1 13 ? -7.930  6.830   2.346   1.00 28.98 ? 13 ARG A N   1 
ATOM   90  C CA  . ARG A 1 13 ? -9.221  7.152   2.993   1.00 29.32 ? 13 ARG A CA  1 
ATOM   91  C C   . ARG A 1 13 ? -9.155  6.952   4.501   1.00 30.21 ? 13 ARG A C   1 
ATOM   92  O O   . ARG A 1 13 ? -8.230  6.302   5.004   1.00 29.92 ? 13 ARG A O   1 
ATOM   93  C CB  . ARG A 1 13 ? -10.334 6.306   2.409   1.00 28.54 ? 13 ARG A CB  1 
ATOM   94  C CG  . ARG A 1 13 ? -10.221 4.864   2.776   1.00 26.84 ? 13 ARG A CG  1 
ATOM   95  C CD  . ARG A 1 13 ? -11.252 4.073   2.017   1.00 28.52 ? 13 ARG A CD  1 
ATOM   96  N NE  . ARG A 1 13 ? -11.250 2.696   2.498   1.00 28.97 ? 13 ARG A NE  1 
ATOM   97  C CZ  . ARG A 1 13 ? -11.944 1.697   1.946   1.00 31.93 ? 13 ARG A CZ  1 
ATOM   98  N NH1 . ARG A 1 13 ? -12.706 1.923   0.889   1.00 33.62 ? 13 ARG A NH1 1 
ATOM   99  N NH2 . ARG A 1 13 ? -11.886 0.469   2.453   1.00 33.50 ? 13 ARG A NH2 1 
ATOM   100 N N   . VAL A 1 14 ? -10.114 7.528   5.221   1.00 30.23 ? 14 VAL A N   1 
ATOM   101 C CA  . VAL A 1 14 ? -10.220 7.299   6.659   1.00 31.31 ? 14 VAL A CA  1 
ATOM   102 C C   . VAL A 1 14 ? -11.610 6.702   6.875   1.00 31.46 ? 14 VAL A C   1 
ATOM   103 O O   . VAL A 1 14 ? -12.605 7.280   6.468   1.00 32.10 ? 14 VAL A O   1 
ATOM   104 C CB  . VAL A 1 14 ? -9.995  8.577   7.466   1.00 31.89 ? 14 VAL A CB  1 
ATOM   105 C CG1 . VAL A 1 14 ? -10.074 8.279   8.944   1.00 33.79 ? 14 VAL A CG1 1 
ATOM   106 C CG2 . VAL A 1 14 ? -8.596  9.192   7.137   1.00 34.60 ? 14 VAL A CG2 1 
ATOM   107 N N   . VAL A 1 15 ? -11.656 5.502   7.423   1.00 29.99 ? 15 VAL A N   1 
ATOM   108 C CA  . VAL A 1 15 ? -12.892 4.770   7.574   1.00 30.85 ? 15 VAL A CA  1 
ATOM   109 C C   . VAL A 1 15 ? -12.853 4.067   8.935   1.00 29.32 ? 15 VAL A C   1 
ATOM   110 O O   . VAL A 1 15 ? -11.892 3.393   9.251   1.00 28.13 ? 15 VAL A O   1 
ATOM   111 C CB  . VAL A 1 15 ? -13.080 3.733   6.452   1.00 30.33 ? 15 VAL A CB  1 
ATOM   112 C CG1 . VAL A 1 15 ? -14.247 2.829   6.791   1.00 32.68 ? 15 VAL A CG1 1 
ATOM   113 C CG2 . VAL A 1 15 ? -13.354 4.413   5.155   1.00 33.74 ? 15 VAL A CG2 1 
ATOM   114 N N   . LYS A 1 16 ? -13.895 4.267   9.747   1.00 29.24 ? 16 LYS A N   1 
ATOM   115 C CA  . LYS A 1 16 ? -14.062 3.532   11.005  1.00 28.92 ? 16 LYS A CA  1 
ATOM   116 C C   . LYS A 1 16 ? -12.834 3.705   11.885  1.00 29.05 ? 16 LYS A C   1 
ATOM   117 O O   . LYS A 1 16 ? -12.383 2.749   12.525  1.00 30.25 ? 16 LYS A O   1 
ATOM   118 C CB  . LYS A 1 16 ? -14.308 2.047   10.732  1.00 28.64 ? 16 LYS A CB  1 
ATOM   119 C CG  . LYS A 1 16 ? -15.673 1.744   10.148  1.00 31.17 ? 16 LYS A CG  1 
ATOM   120 C CD  . LYS A 1 16 ? -15.929 0.267   10.083  1.00 32.15 ? 16 LYS A CD  1 
ATOM   121 C CE  . LYS A 1 16 ? -17.172 0.035   9.274   1.00 35.15 ? 16 LYS A CE  1 
ATOM   122 N NZ  . LYS A 1 16 ? -17.566 -1.399  9.124   1.00 35.44 ? 16 LYS A NZ  1 
ATOM   123 N N   . GLY A 1 17 ? -12.275 4.908   11.878  1.00 28.11 ? 17 GLY A N   1 
ATOM   124 C CA  . GLY A 1 17 ? -11.202 5.219   12.789  1.00 28.91 ? 17 GLY A CA  1 
ATOM   125 C C   . GLY A 1 17 ? -9.826  4.763   12.305  1.00 28.75 ? 17 GLY A C   1 
ATOM   126 O O   . GLY A 1 17 ? -8.853  4.842   13.058  1.00 28.74 ? 17 GLY A O   1 
ATOM   127 N N   . GLN A 1 18 ? -9.730  4.307   11.063  1.00 27.94 ? 18 GLN A N   1 
ATOM   128 C CA  . GLN A 1 18 ? -8.409  3.926   10.558  1.00 27.93 ? 18 GLN A CA  1 
ATOM   129 C C   . GLN A 1 18 ? -8.112  4.511   9.201   1.00 27.63 ? 18 GLN A C   1 
ATOM   130 O O   . GLN A 1 18 ? -9.021  4.648   8.368   1.00 27.69 ? 18 GLN A O   1 
ATOM   131 C CB  . GLN A 1 18 ? -8.248  2.407   10.559  1.00 27.26 ? 18 GLN A CB  1 
ATOM   132 C CG  . GLN A 1 18 ? -9.139  1.626   9.651   1.00 26.99 ? 18 GLN A CG  1 
ATOM   133 C CD  . GLN A 1 18 ? -9.004  0.136   9.919   1.00 30.01 ? 18 GLN A CD  1 
ATOM   134 O OE1 . GLN A 1 18 ? -9.021  -0.256  11.088  1.00 31.48 ? 18 GLN A OE1 1 
ATOM   135 N NE2 . GLN A 1 18 ? -8.880  -0.710  8.847   1.00 27.06 ? 18 GLN A NE2 1 
ATOM   136 N N   . VAL A 1 19 ? -6.851  4.884   8.992   1.00 26.46 ? 19 VAL A N   1 
ATOM   137 C CA  . VAL A 1 19 ? -6.369  5.292   7.657   1.00 26.35 ? 19 VAL A CA  1 
ATOM   138 C C   . VAL A 1 19 ? -6.073  4.082   6.815   1.00 25.72 ? 19 VAL A C   1 
ATOM   139 O O   . VAL A 1 19 ? -5.426  3.130   7.276   1.00 24.55 ? 19 VAL A O   1 
ATOM   140 C CB  . VAL A 1 19 ? -5.096  6.183   7.750   1.00 27.19 ? 19 VAL A CB  1 
ATOM   141 C CG1 . VAL A 1 19 ? -4.773  6.830   6.382   1.00 25.75 ? 19 VAL A CG1 1 
ATOM   142 C CG2 . VAL A 1 19 ? -5.304  7.266   8.844   1.00 26.82 ? 19 VAL A CG2 1 
ATOM   143 N N   . GLU A 1 20 ? -6.545  4.113   5.566   1.00 25.00 ? 20 GLU A N   1 
ATOM   144 C CA  . GLU A 1 20 ? -6.384  2.997   4.646   1.00 24.65 ? 20 GLU A CA  1 
ATOM   145 C C   . GLU A 1 20 ? -5.844  3.573   3.372   1.00 24.45 ? 20 GLU A C   1 
ATOM   146 O O   . GLU A 1 20 ? -6.065  4.757   3.100   1.00 25.34 ? 20 GLU A O   1 
ATOM   147 C CB  . GLU A 1 20 ? -7.722  2.308   4.358   1.00 25.21 ? 20 GLU A CB  1 
ATOM   148 C CG  . GLU A 1 20 ? -8.357  1.690   5.572   1.00 27.34 ? 20 GLU A CG  1 
ATOM   149 C CD  . GLU A 1 20 ? -9.521  0.780   5.262   1.00 33.48 ? 20 GLU A CD  1 
ATOM   150 O OE1 . GLU A 1 20 ? -10.156 0.928   4.194   1.00 38.03 ? 20 GLU A OE1 1 
ATOM   151 O OE2 . GLU A 1 20 ? -9.805  -0.105  6.100   1.00 36.72 ? 20 GLU A OE2 1 
ATOM   152 N N   . TYR A 1 21 ? -5.113  2.761   2.621   1.00 24.87 ? 21 TYR A N   1 
ATOM   153 C CA  . TYR A 1 21 ? -4.441  3.192   1.404   1.00 25.03 ? 21 TYR A CA  1 
ATOM   154 C C   . TYR A 1 21 ? -4.779  2.229   0.338   1.00 23.90 ? 21 TYR A C   1 
ATOM   155 O O   . TYR A 1 21 ? -4.794  1.013   0.568   1.00 24.15 ? 21 TYR A O   1 
ATOM   156 C CB  . TYR A 1 21 ? -2.898  3.178   1.577   1.00 26.09 ? 21 TYR A CB  1 
ATOM   157 C CG  . TYR A 1 21 ? -2.444  4.221   2.530   1.00 26.59 ? 21 TYR A CG  1 
ATOM   158 C CD1 . TYR A 1 21 ? -2.252  5.542   2.105   1.00 28.06 ? 21 TYR A CD1 1 
ATOM   159 C CD2 . TYR A 1 21 ? -2.244  3.913   3.853   1.00 27.33 ? 21 TYR A CD2 1 
ATOM   160 C CE1 . TYR A 1 21 ? -1.848  6.493   2.976   1.00 28.67 ? 21 TYR A CE1 1 
ATOM   161 C CE2 . TYR A 1 21 ? -1.842  4.882   4.745   1.00 26.84 ? 21 TYR A CE2 1 
ATOM   162 C CZ  . TYR A 1 21 ? -1.674  6.142   4.307   1.00 27.37 ? 21 TYR A CZ  1 
ATOM   163 O OH  . TYR A 1 21 ? -1.276  7.082   5.211   1.00 33.63 ? 21 TYR A OH  1 
ATOM   164 N N   . LEU A 1 22 ? -4.994  2.757   -0.850  1.00 24.00 ? 22 LEU A N   1 
ATOM   165 C CA  . LEU A 1 22 ? -5.278  1.904   -1.983  1.00 24.29 ? 22 LEU A CA  1 
ATOM   166 C C   . LEU A 1 22 ? -3.974  1.558   -2.660  1.00 24.16 ? 22 LEU A C   1 
ATOM   167 O O   . LEU A 1 22 ? -3.284  2.449   -3.138  1.00 24.54 ? 22 LEU A O   1 
ATOM   168 C CB  . LEU A 1 22 ? -6.252  2.587   -2.983  1.00 24.56 ? 22 LEU A CB  1 
ATOM   169 C CG  . LEU A 1 22 ? -6.633  1.791   -4.256  1.00 26.11 ? 22 LEU A CG  1 
ATOM   170 C CD1 . LEU A 1 22 ? -7.347  0.512   -3.884  1.00 26.29 ? 22 LEU A CD1 1 
ATOM   171 C CD2 . LEU A 1 22 ? -7.549  2.569   -5.247  1.00 25.95 ? 22 LEU A CD2 1 
ATOM   172 N N   . LEU A 1 23 ? -3.653  0.267   -2.724  1.00 24.09 ? 23 LEU A N   1 
ATOM   173 C CA  . LEU A 1 23 ? -2.347  -0.169  -3.187  1.00 26.12 ? 23 LEU A CA  1 
ATOM   174 C C   . LEU A 1 23 ? -2.441  -0.846  -4.546  1.00 27.75 ? 23 LEU A C   1 
ATOM   175 O O   . LEU A 1 23 ? -3.329  -1.671  -4.773  1.00 28.59 ? 23 LEU A O   1 
ATOM   176 C CB  . LEU A 1 23 ? -1.735  -1.174  -2.190  1.00 25.66 ? 23 LEU A CB  1 
ATOM   177 C CG  . LEU A 1 23 ? -1.560  -0.683  -0.739  1.00 24.33 ? 23 LEU A CG  1 
ATOM   178 C CD1 . LEU A 1 23 ? -0.810  -1.743  0.152   1.00 24.69 ? 23 LEU A CD1 1 
ATOM   179 C CD2 . LEU A 1 23 ? -0.916  0.711   -0.651  1.00 22.84 ? 23 LEU A CD2 1 
ATOM   180 N N   . LYS A 1 24 ? -1.501  -0.501  -5.417  1.00 28.12 ? 24 LYS A N   1 
ATOM   181 C CA  . LYS A 1 24 ? -1.274  -1.188  -6.668  1.00 28.50 ? 24 LYS A CA  1 
ATOM   182 C C   . LYS A 1 24 ? -0.105  -2.123  -6.410  1.00 28.44 ? 24 LYS A C   1 
ATOM   183 O O   . LYS A 1 24 ? 1.002   -1.686  -6.091  1.00 28.03 ? 24 LYS A O   1 
ATOM   184 C CB  . LYS A 1 24 ? -0.927  -0.171  -7.778  1.00 28.75 ? 24 LYS A CB  1 
ATOM   185 C CG  . LYS A 1 24 ? -0.296  -0.790  -9.035  1.00 30.72 ? 24 LYS A CG  1 
ATOM   186 C CD  . LYS A 1 24 ? -1.307  -1.478  -9.894  1.00 33.31 ? 24 LYS A CD  1 
ATOM   187 C CE  . LYS A 1 24 ? -0.693  -1.997  -11.249 1.00 33.57 ? 24 LYS A CE  1 
ATOM   188 N NZ  . LYS A 1 24 ? 0.565   -2.811  -11.023 1.00 37.45 ? 24 LYS A NZ  1 
ATOM   189 N N   . TRP A 1 25 ? -0.363  -3.419  -6.472  1.00 28.82 ? 25 TRP A N   1 
ATOM   190 C CA  . TRP A 1 25 ? 0.679   -4.391  -6.142  1.00 29.99 ? 25 TRP A CA  1 
ATOM   191 C C   . TRP A 1 25 ? 1.619   -4.660  -7.314  1.00 31.17 ? 25 TRP A C   1 
ATOM   192 O O   . TRP A 1 25 ? 1.166   -4.779  -8.472  1.00 32.01 ? 25 TRP A O   1 
ATOM   193 C CB  . TRP A 1 25 ? 0.039   -5.675  -5.666  1.00 28.96 ? 25 TRP A CB  1 
ATOM   194 C CG  . TRP A 1 25 ? -0.897  -5.474  -4.506  1.00 29.16 ? 25 TRP A CG  1 
ATOM   195 C CD1 . TRP A 1 25 ? -2.229  -5.282  -4.572  1.00 28.41 ? 25 TRP A CD1 1 
ATOM   196 C CD2 . TRP A 1 25 ? -0.553  -5.511  -3.114  1.00 26.75 ? 25 TRP A CD2 1 
ATOM   197 N NE1 . TRP A 1 25 ? -2.744  -5.145  -3.302  1.00 27.78 ? 25 TRP A NE1 1 
ATOM   198 C CE2 . TRP A 1 25 ? -1.738  -5.322  -2.389  1.00 27.74 ? 25 TRP A CE2 1 
ATOM   199 C CE3 . TRP A 1 25 ? 0.643   -5.686  -2.417  1.00 26.69 ? 25 TRP A CE3 1 
ATOM   200 C CZ2 . TRP A 1 25 ? -1.765  -5.268  -0.994  1.00 27.04 ? 25 TRP A CZ2 1 
ATOM   201 C CZ3 . TRP A 1 25 ? 0.623   -5.666  -1.037  1.00 27.15 ? 25 TRP A CZ3 1 
ATOM   202 C CH2 . TRP A 1 25 ? -0.582  -5.477  -0.331  1.00 27.43 ? 25 TRP A CH2 1 
ATOM   203 N N   . LYS A 1 26 ? 2.919   -4.742  -7.030  1.00 32.58 ? 26 LYS A N   1 
ATOM   204 C CA  . LYS A 1 26 ? 3.912   -4.906  -8.119  1.00 33.25 ? 26 LYS A CA  1 
ATOM   205 C C   . LYS A 1 26 ? 3.799   -6.241  -8.860  1.00 33.27 ? 26 LYS A C   1 
ATOM   206 O O   . LYS A 1 26 ? 3.755   -7.326  -8.236  1.00 33.00 ? 26 LYS A O   1 
ATOM   207 C CB  . LYS A 1 26 ? 5.342   -4.679  -7.614  1.00 33.68 ? 26 LYS A CB  1 
ATOM   208 C CG  . LYS A 1 26 ? 6.379   -4.661  -8.759  1.00 37.34 ? 26 LYS A CG  1 
ATOM   209 C CD  . LYS A 1 26 ? 7.587   -3.814  -8.417  1.00 43.80 ? 26 LYS A CD  1 
ATOM   210 C CE  . LYS A 1 26 ? 8.742   -4.196  -9.320  1.00 48.88 ? 26 LYS A CE  1 
ATOM   211 N NZ  . LYS A 1 26 ? 9.950   -3.374  -9.014  1.00 54.11 ? 26 LYS A NZ  1 
ATOM   212 N N   . GLY A 1 27 ? 3.723   -6.146  -10.185 1.00 33.41 ? 27 GLY A N   1 
ATOM   213 C CA  . GLY A 1 27 ? 3.505   -7.293  -11.053 1.00 34.17 ? 27 GLY A CA  1 
ATOM   214 C C   . GLY A 1 27 ? 2.056   -7.762  -11.162 1.00 34.14 ? 27 GLY A C   1 
ATOM   215 O O   . GLY A 1 27 ? 1.764   -8.640  -11.955 1.00 35.00 ? 27 GLY A O   1 
ATOM   216 N N   . PHE A 1 28 ? 1.141   -7.195  -10.387 1.00 33.56 ? 28 PHE A N   1 
ATOM   217 C CA  . PHE A 1 28 ? -0.285  -7.607  -10.469 1.00 33.14 ? 28 PHE A CA  1 
ATOM   218 C C   . PHE A 1 28 ? -1.081  -6.559  -11.248 1.00 34.37 ? 28 PHE A C   1 
ATOM   219 O O   . PHE A 1 28 ? -0.773  -5.374  -11.150 1.00 35.51 ? 28 PHE A O   1 
ATOM   220 C CB  . PHE A 1 28 ? -0.908  -7.672  -9.077  1.00 31.04 ? 28 PHE A CB  1 
ATOM   221 C CG  . PHE A 1 28 ? -0.438  -8.818  -8.227  1.00 30.05 ? 28 PHE A CG  1 
ATOM   222 C CD1 . PHE A 1 28 ? -1.234  -9.930  -8.054  1.00 30.79 ? 28 PHE A CD1 1 
ATOM   223 C CD2 . PHE A 1 28 ? 0.775   -8.765  -7.570  1.00 26.87 ? 28 PHE A CD2 1 
ATOM   224 C CE1 . PHE A 1 28 ? -0.811  -10.994 -7.248  1.00 28.10 ? 28 PHE A CE1 1 
ATOM   225 C CE2 . PHE A 1 28 ? 1.196   -9.800  -6.756  1.00 28.97 ? 28 PHE A CE2 1 
ATOM   226 C CZ  . PHE A 1 28 ? 0.399   -10.926 -6.609  1.00 27.46 ? 28 PHE A CZ  1 
ATOM   227 N N   . SER A 1 29 ? -2.116  -6.974  -11.989 1.00 35.28 ? 29 SER A N   1 
ATOM   228 C CA  . SER A 1 29 ? -3.006  -6.026  -12.711 1.00 35.44 ? 29 SER A CA  1 
ATOM   229 C C   . SER A 1 29 ? -3.707  -5.121  -11.713 1.00 35.82 ? 29 SER A C   1 
ATOM   230 O O   . SER A 1 29 ? -3.779  -5.448  -10.534 1.00 34.27 ? 29 SER A O   1 
ATOM   231 C CB  . SER A 1 29 ? -4.097  -6.777  -13.496 1.00 36.28 ? 29 SER A CB  1 
ATOM   232 N N   . GLU A 1 30 ? -4.242  -3.998  -12.198 1.00 35.83 ? 30 GLU A N   1 
ATOM   233 C CA  . GLU A 1 30 ? -5.003  -3.070  -11.367 1.00 37.16 ? 30 GLU A CA  1 
ATOM   234 C C   . GLU A 1 30 ? -6.305  -3.662  -10.803 1.00 36.77 ? 30 GLU A C   1 
ATOM   235 O O   . GLU A 1 30 ? -6.866  -3.144  -9.827  1.00 35.95 ? 30 GLU A O   1 
ATOM   236 C CB  . GLU A 1 30 ? -5.361  -1.823  -12.168 1.00 37.61 ? 30 GLU A CB  1 
ATOM   237 C CG  . GLU A 1 30 ? -6.590  -2.030  -13.040 1.00 42.75 ? 30 GLU A CG  1 
ATOM   238 C CD  . GLU A 1 30 ? -6.510  -1.270  -14.352 1.00 50.58 ? 30 GLU A CD  1 
ATOM   239 O OE1 . GLU A 1 30 ? -5.542  -0.479  -14.493 1.00 54.61 ? 30 GLU A OE1 1 
ATOM   240 O OE2 . GLU A 1 30 ? -7.404  -1.454  -15.237 1.00 53.76 ? 30 GLU A OE2 1 
ATOM   241 N N   . GLU A 1 31 ? -6.804  -4.732  -11.410 1.00 36.75 ? 31 GLU A N   1 
ATOM   242 C CA  . GLU A 1 31 ? -7.990  -5.381  -10.882 1.00 37.33 ? 31 GLU A CA  1 
ATOM   243 C C   . GLU A 1 31 ? -7.684  -6.143  -9.559  1.00 36.10 ? 31 GLU A C   1 
ATOM   244 O O   . GLU A 1 31 ? -8.592  -6.506  -8.840  1.00 35.87 ? 31 GLU A O   1 
ATOM   245 C CB  . GLU A 1 31 ? -8.689  -6.236  -11.960 1.00 39.41 ? 31 GLU A CB  1 
ATOM   246 C CG  . GLU A 1 31 ? -9.009  -5.476  -13.342 1.00 45.86 ? 31 GLU A CG  1 
ATOM   247 C CD  . GLU A 1 31 ? -10.117 -4.351  -13.285 1.00 55.62 ? 31 GLU A CD  1 
ATOM   248 O OE1 . GLU A 1 31 ? -11.076 -4.466  -12.472 1.00 61.03 ? 31 GLU A OE1 1 
ATOM   249 O OE2 . GLU A 1 31 ? -10.051 -3.344  -14.073 1.00 58.52 ? 31 GLU A OE2 1 
ATOM   250 N N   . HIS A 1 32 ? -6.398  -6.315  -9.212  1.00 35.18 ? 32 HIS A N   1 
ATOM   251 C CA  . HIS A 1 32 ? -6.010  -6.841  -7.902  1.00 33.81 ? 32 HIS A CA  1 
ATOM   252 C C   . HIS A 1 32 ? -5.678  -5.799  -6.835  1.00 32.00 ? 32 HIS A C   1 
ATOM   253 O O   . HIS A 1 32 ? -5.205  -6.185  -5.770  1.00 31.18 ? 32 HIS A O   1 
ATOM   254 C CB  . HIS A 1 32 ? -4.777  -7.719  -8.010  1.00 35.08 ? 32 HIS A CB  1 
ATOM   255 C CG  . HIS A 1 32 ? -4.960  -8.929  -8.856  1.00 39.56 ? 32 HIS A CG  1 
ATOM   256 N ND1 . HIS A 1 32 ? -5.046  -8.864  -10.231 1.00 44.60 ? 32 HIS A ND1 1 
ATOM   257 C CD2 . HIS A 1 32 ? -5.050  -10.238 -8.527  1.00 42.59 ? 32 HIS A CD2 1 
ATOM   258 C CE1 . HIS A 1 32 ? -5.197  -10.087 -10.710 1.00 46.83 ? 32 HIS A CE1 1 
ATOM   259 N NE2 . HIS A 1 32 ? -5.205  -10.938 -9.698  1.00 46.15 ? 32 HIS A NE2 1 
ATOM   260 N N   . ASN A 1 33 ? -5.891  -4.504  -7.105  1.00 30.33 ? 33 ASN A N   1 
ATOM   261 C CA  . ASN A 1 33 ? -5.693  -3.447  -6.084  1.00 28.68 ? 33 ASN A CA  1 
ATOM   262 C C   . ASN A 1 33 ? -6.529  -3.705  -4.837  1.00 29.41 ? 33 ASN A C   1 
ATOM   263 O O   . ASN A 1 33 ? -7.674  -4.167  -4.951  1.00 29.42 ? 33 ASN A O   1 
ATOM   264 C CB  . ASN A 1 33 ? -6.162  -2.091  -6.627  1.00 28.98 ? 33 ASN A CB  1 
ATOM   265 C CG  . ASN A 1 33 ? -5.354  -1.608  -7.765  1.00 28.32 ? 33 ASN A CG  1 
ATOM   266 O OD1 . ASN A 1 33 ? -4.318  -2.175  -8.108  1.00 29.16 ? 33 ASN A OD1 1 
ATOM   267 N ND2 . ASN A 1 33 ? -5.816  -0.534  -8.379  1.00 31.03 ? 33 ASN A ND2 1 
ATOM   268 N N   . THR A 1 34 ? -6.027  -3.370  -3.644  1.00 28.12 ? 34 THR A N   1 
ATOM   269 C CA  . THR A 1 34 ? -6.849  -3.517  -2.451  1.00 27.35 ? 34 THR A CA  1 
ATOM   270 C C   . THR A 1 34 ? -6.578  -2.334  -1.534  1.00 26.80 ? 34 THR A C   1 
ATOM   271 O O   . THR A 1 34 ? -5.472  -1.767  -1.571  1.00 26.30 ? 34 THR A O   1 
ATOM   272 C CB  . THR A 1 34 ? -6.538  -4.843  -1.679  1.00 28.28 ? 34 THR A CB  1 
ATOM   273 O OG1 . THR A 1 34 ? -5.161  -4.874  -1.353  1.00 29.53 ? 34 THR A OG1 1 
ATOM   274 C CG2 . THR A 1 34 ? -6.844  -6.082  -2.489  1.00 30.12 ? 34 THR A CG2 1 
ATOM   275 N N   . TRP A 1 35 ? -7.556  -1.966  -0.719  1.00 24.61 ? 35 TRP A N   1 
ATOM   276 C CA  . TRP A 1 35 ? -7.367  -1.003  0.373   1.00 24.03 ? 35 TRP A CA  1 
ATOM   277 C C   . TRP A 1 35 ? -6.705  -1.752  1.522   1.00 23.81 ? 35 TRP A C   1 
ATOM   278 O O   . TRP A 1 35 ? -7.090  -2.871  1.777   1.00 23.36 ? 35 TRP A O   1 
ATOM   279 C CB  . TRP A 1 35 ? -8.728  -0.479  0.833   1.00 23.74 ? 35 TRP A CB  1 
ATOM   280 C CG  . TRP A 1 35 ? -9.378  0.484   -0.176  1.00 25.32 ? 35 TRP A CG  1 
ATOM   281 C CD1 . TRP A 1 35 ? -10.285 0.181   -1.137  1.00 25.56 ? 35 TRP A CD1 1 
ATOM   282 C CD2 . TRP A 1 35 ? -9.096  1.878   -0.306  1.00 23.59 ? 35 TRP A CD2 1 
ATOM   283 N NE1 . TRP A 1 35 ? -10.619 1.329   -1.848  1.00 26.44 ? 35 TRP A NE1 1 
ATOM   284 C CE2 . TRP A 1 35 ? -9.881  2.372   -1.353  1.00 27.09 ? 35 TRP A CE2 1 
ATOM   285 C CE3 . TRP A 1 35 ? -8.262  2.762   0.387   1.00 25.21 ? 35 TRP A CE3 1 
ATOM   286 C CZ2 . TRP A 1 35 ? -9.848  3.711   -1.739  1.00 26.86 ? 35 TRP A CZ2 1 
ATOM   287 C CZ3 . TRP A 1 35 ? -8.219  4.083   -0.008  1.00 25.82 ? 35 TRP A CZ3 1 
ATOM   288 C CH2 . TRP A 1 35 ? -9.027  4.554   -1.045  1.00 25.79 ? 35 TRP A CH2 1 
ATOM   289 N N   . GLU A 1 36 ? -5.771  -1.141  2.241   1.00 22.80 ? 36 GLU A N   1 
ATOM   290 C CA  . GLU A 1 36 ? -5.130  -1.832  3.353   1.00 22.78 ? 36 GLU A CA  1 
ATOM   291 C C   . GLU A 1 36 ? -4.958  -0.812  4.446   1.00 23.84 ? 36 GLU A C   1 
ATOM   292 O O   . GLU A 1 36 ? -4.655  0.373   4.177   1.00 24.61 ? 36 GLU A O   1 
ATOM   293 C CB  . GLU A 1 36 ? -3.755  -2.412  2.961   1.00 22.91 ? 36 GLU A CB  1 
ATOM   294 C CG  . GLU A 1 36 ? -3.757  -3.540  1.888   1.00 24.49 ? 36 GLU A CG  1 
ATOM   295 C CD  . GLU A 1 36 ? -4.606  -4.729  2.261   1.00 27.87 ? 36 GLU A CD  1 
ATOM   296 O OE1 . GLU A 1 36 ? -4.881  -4.924  3.463   1.00 29.65 ? 36 GLU A OE1 1 
ATOM   297 O OE2 . GLU A 1 36 ? -5.014  -5.481  1.348   1.00 31.11 ? 36 GLU A OE2 1 
ATOM   298 N N   . PRO A 1 37 ? -5.175  -1.217  5.705   1.00 23.79 ? 37 PRO A N   1 
ATOM   299 C CA  . PRO A 1 37 ? -4.996  -0.181  6.696   1.00 24.28 ? 37 PRO A CA  1 
ATOM   300 C C   . PRO A 1 37 ? -3.518  0.165   6.805   1.00 25.19 ? 37 PRO A C   1 
ATOM   301 O O   . PRO A 1 37 ? -2.656  -0.640  6.407   1.00 25.34 ? 37 PRO A O   1 
ATOM   302 C CB  . PRO A 1 37 ? -5.492  -0.856  7.977   1.00 24.16 ? 37 PRO A CB  1 
ATOM   303 C CG  . PRO A 1 37 ? -5.166  -2.291  7.739   1.00 24.38 ? 37 PRO A CG  1 
ATOM   304 C CD  . PRO A 1 37 ? -5.542  -2.503  6.311   1.00 23.88 ? 37 PRO A CD  1 
ATOM   305 N N   . GLU A 1 38 ? -3.227  1.331   7.372   1.00 25.25 ? 38 GLU A N   1 
ATOM   306 C CA  . GLU A 1 38 ? -1.886  1.817   7.508   1.00 25.58 ? 38 GLU A CA  1 
ATOM   307 C C   . GLU A 1 38 ? -1.000  0.830   8.267   1.00 25.92 ? 38 GLU A C   1 
ATOM   308 O O   . GLU A 1 38 ? 0.174   0.724   7.941   1.00 26.83 ? 38 GLU A O   1 
ATOM   309 C CB  . GLU A 1 38 ? -1.907  3.175   8.197   1.00 25.29 ? 38 GLU A CB  1 
ATOM   310 C CG  . GLU A 1 38 ? -0.562  3.731   8.385   1.00 30.51 ? 38 GLU A CG  1 
ATOM   311 C CD  . GLU A 1 38 ? -0.624  5.161   8.894   1.00 38.32 ? 38 GLU A CD  1 
ATOM   312 O OE1 . GLU A 1 38 ? -1.315  5.995   8.270   1.00 39.71 ? 38 GLU A OE1 1 
ATOM   313 O OE2 . GLU A 1 38 ? -0.001  5.430   9.950   1.00 43.09 ? 38 GLU A OE2 1 
ATOM   314 N N   . LYS A 1 39 ? -1.539  0.104   9.249   1.00 26.09 ? 39 LYS A N   1 
ATOM   315 C CA  . LYS A 1 39 ? -0.727  -0.893  9.972   1.00 27.31 ? 39 LYS A CA  1 
ATOM   316 C C   . LYS A 1 39 ? -0.194  -2.028  9.102   1.00 27.57 ? 39 LYS A C   1 
ATOM   317 O O   . LYS A 1 39 ? 0.715   -2.768  9.517   1.00 27.24 ? 39 LYS A O   1 
ATOM   318 C CB  . LYS A 1 39 ? -1.507  -1.511  11.136  1.00 27.67 ? 39 LYS A CB  1 
ATOM   319 C CG  . LYS A 1 39 ? -2.560  -2.478  10.660  1.00 30.27 ? 39 LYS A CG  1 
ATOM   320 C CD  . LYS A 1 39 ? -3.449  -2.937  11.762  1.00 36.12 ? 39 LYS A CD  1 
ATOM   321 C CE  . LYS A 1 39 ? -3.237  -4.381  12.048  1.00 42.03 ? 39 LYS A CE  1 
ATOM   322 N NZ  . LYS A 1 39 ? -3.876  -5.142  10.977  1.00 45.08 ? 39 LYS A NZ  1 
ATOM   323 N N   . ASN A 1 40 ? -0.767  -2.213  7.917   1.00 25.43 ? 40 ASN A N   1 
ATOM   324 C CA  . ASN A 1 40 ? -0.299  -3.279  7.072   1.00 24.99 ? 40 ASN A CA  1 
ATOM   325 C C   . ASN A 1 40 ? 0.838   -2.861  6.167   1.00 24.89 ? 40 ASN A C   1 
ATOM   326 O O   . ASN A 1 40 ? 1.340   -3.706  5.481   1.00 24.19 ? 40 ASN A O   1 
ATOM   327 C CB  . ASN A 1 40 ? -1.384  -3.760  6.161   1.00 24.73 ? 40 ASN A CB  1 
ATOM   328 C CG  . ASN A 1 40 ? -2.331  -4.731  6.823   1.00 27.16 ? 40 ASN A CG  1 
ATOM   329 O OD1 . ASN A 1 40 ? -3.163  -5.321  6.149   1.00 33.40 ? 40 ASN A OD1 1 
ATOM   330 N ND2 . ASN A 1 40 ? -2.226  -4.902  8.109   1.00 23.09 ? 40 ASN A ND2 1 
ATOM   331 N N   . LEU A 1 41 ? 1.136   -1.570  6.107   1.00 25.71 ? 41 LEU A N   1 
ATOM   332 C CA  . LEU A 1 41 ? 2.015   -1.008  5.079   1.00 27.27 ? 41 LEU A CA  1 
ATOM   333 C C   . LEU A 1 41 ? 3.465   -1.043  5.552   1.00 28.64 ? 41 LEU A C   1 
ATOM   334 O O   . LEU A 1 41 ? 3.748   -0.769  6.716   1.00 27.91 ? 41 LEU A O   1 
ATOM   335 C CB  . LEU A 1 41 ? 1.597   0.405   4.689   1.00 26.42 ? 41 LEU A CB  1 
ATOM   336 C CG  . LEU A 1 41 ? 0.621   0.482   3.486   1.00 28.12 ? 41 LEU A CG  1 
ATOM   337 C CD1 . LEU A 1 41 ? -0.693  -0.187  3.730   1.00 24.51 ? 41 LEU A CD1 1 
ATOM   338 C CD2 . LEU A 1 41 ? 0.369   1.919   3.005   1.00 27.69 ? 41 LEU A CD2 1 
ATOM   339 N N   . ASP A 1 42 ? 4.364   -1.455  4.650   1.00 30.16 ? 42 ASP A N   1 
ATOM   340 C CA  . ASP A 1 42 ? 5.820   -1.337  4.892   1.00 32.15 ? 42 ASP A CA  1 
ATOM   341 C C   . ASP A 1 42 ? 6.487   -0.688  3.677   1.00 31.38 ? 42 ASP A C   1 
ATOM   342 O O   . ASP A 1 42 ? 7.424   -1.227  3.066   1.00 31.50 ? 42 ASP A O   1 
ATOM   343 C CB  . ASP A 1 42 ? 6.407   -2.710  5.176   1.00 33.20 ? 42 ASP A CB  1 
ATOM   344 C CG  . ASP A 1 42 ? 7.841   -2.631  5.637   1.00 39.62 ? 42 ASP A CG  1 
ATOM   345 O OD1 . ASP A 1 42 ? 8.286   -1.513  6.030   1.00 46.51 ? 42 ASP A OD1 1 
ATOM   346 O OD2 . ASP A 1 42 ? 8.533   -3.693  5.570   1.00 49.92 ? 42 ASP A OD2 1 
ATOM   347 N N   . CYS A 1 43 ? 5.913   0.448   3.302   1.00 31.03 ? 43 CYS A N   1 
ATOM   348 C CA  . CYS A 1 43 ? 6.287   1.143   2.109   1.00 30.99 ? 43 CYS A CA  1 
ATOM   349 C C   . CYS A 1 43 ? 6.237   2.646   2.372   1.00 30.93 ? 43 CYS A C   1 
ATOM   350 O O   . CYS A 1 43 ? 5.458   3.357   1.750   1.00 32.16 ? 43 CYS A O   1 
ATOM   351 C CB  . CYS A 1 43 ? 5.399   0.717   0.940   1.00 29.85 ? 43 CYS A CB  1 
ATOM   352 S SG  . CYS A 1 43 ? 3.590   0.820   1.238   1.00 31.09 ? 43 CYS A SG  1 
ATOM   353 N N   . PRO A 1 44 ? 7.059   3.135   3.300   1.00 30.51 ? 44 PRO A N   1 
ATOM   354 C CA  . PRO A 1 44 ? 6.953   4.542   3.676   1.00 30.40 ? 44 PRO A CA  1 
ATOM   355 C C   . PRO A 1 44 ? 7.270   5.518   2.567   1.00 30.61 ? 44 PRO A C   1 
ATOM   356 O O   . PRO A 1 44 ? 6.687   6.596   2.518   1.00 29.57 ? 44 PRO A O   1 
ATOM   357 C CB  . PRO A 1 44 ? 7.960   4.696   4.813   1.00 31.19 ? 44 PRO A CB  1 
ATOM   358 C CG  . PRO A 1 44 ? 8.752   3.470   4.854   1.00 30.86 ? 44 PRO A CG  1 
ATOM   359 C CD  . PRO A 1 44 ? 8.047   2.403   4.113   1.00 31.44 ? 44 PRO A CD  1 
ATOM   360 N N   . GLU A 1 45 ? 8.165   5.125   1.667   1.00 30.16 ? 45 GLU A N   1 
ATOM   361 C CA  . GLU A 1 45 ? 8.568   6.000   0.572   1.00 30.60 ? 45 GLU A CA  1 
ATOM   362 C C   . GLU A 1 45 ? 7.494   6.098   -0.480  1.00 30.30 ? 45 GLU A C   1 
ATOM   363 O O   . GLU A 1 45 ? 7.372   7.160   -1.086  1.00 30.74 ? 45 GLU A O   1 
ATOM   364 C CB  . GLU A 1 45 ? 9.912   5.577   -0.026  1.00 31.23 ? 45 GLU A CB  1 
ATOM   365 C CG  . GLU A 1 45 ? 11.120  5.952   0.910   1.00 32.23 ? 45 GLU A CG  1 
ATOM   366 C CD  . GLU A 1 45 ? 11.284  4.980   2.109   1.00 36.46 ? 45 GLU A CD  1 
ATOM   367 O OE1 . GLU A 1 45 ? 10.947  3.775   1.957   1.00 36.55 ? 45 GLU A OE1 1 
ATOM   368 O OE2 . GLU A 1 45 ? 11.720  5.410   3.213   1.00 35.89 ? 45 GLU A OE2 1 
ATOM   369 N N   . LEU A 1 46 ? 6.697   5.039   -0.676  1.00 28.74 ? 46 LEU A N   1 
ATOM   370 C CA  . LEU A 1 46 ? 5.508   5.119   -1.550  1.00 29.39 ? 46 LEU A CA  1 
ATOM   371 C C   . LEU A 1 46 ? 4.377   5.986   -0.984  1.00 29.26 ? 46 LEU A C   1 
ATOM   372 O O   . LEU A 1 46 ? 3.735   6.705   -1.732  1.00 29.35 ? 46 LEU A O   1 
ATOM   373 C CB  . LEU A 1 46 ? 4.978   3.742   -1.942  1.00 28.42 ? 46 LEU A CB  1 
ATOM   374 C CG  . LEU A 1 46 ? 6.014   2.890   -2.666  1.00 31.26 ? 46 LEU A CG  1 
ATOM   375 C CD1 . LEU A 1 46 ? 5.382   1.559   -2.987  1.00 28.56 ? 46 LEU A CD1 1 
ATOM   376 C CD2 . LEU A 1 46 ? 6.573   3.574   -3.949  1.00 29.55 ? 46 LEU A CD2 1 
ATOM   377 N N   . ILE A 1 47 ? 4.136   5.910   0.319   1.00 29.72 ? 47 ILE A N   1 
ATOM   378 C CA  . ILE A 1 47 ? 3.210   6.824   0.977   1.00 30.66 ? 47 ILE A CA  1 
ATOM   379 C C   . ILE A 1 47 ? 3.701   8.265   0.789   1.00 31.81 ? 47 ILE A C   1 
ATOM   380 O O   . ILE A 1 47 ? 2.919   9.136   0.403   1.00 31.79 ? 47 ILE A O   1 
ATOM   381 C CB  . ILE A 1 47 ? 3.060   6.502   2.475   1.00 31.02 ? 47 ILE A CB  1 
ATOM   382 C CG1 . ILE A 1 47 ? 2.536   5.066   2.681   1.00 29.67 ? 47 ILE A CG1 1 
ATOM   383 C CG2 . ILE A 1 47 ? 2.137   7.542   3.145   1.00 32.51 ? 47 ILE A CG2 1 
ATOM   384 C CD1 . ILE A 1 47 ? 2.471   4.629   4.161   1.00 29.57 ? 47 ILE A CD1 1 
ATOM   385 N N   . SER A 1 48 ? 5.001   8.504   0.992   1.00 33.03 ? 48 SER A N   1 
ATOM   386 C CA  . SER A 1 48 ? 5.612   9.822   0.743   1.00 35.19 ? 48 SER A CA  1 
ATOM   387 C C   . SER A 1 48 ? 5.452   10.339  -0.658  1.00 35.08 ? 48 SER A C   1 
ATOM   388 O O   . SER A 1 48 ? 5.128   11.508  -0.836  1.00 35.91 ? 48 SER A O   1 
ATOM   389 C CB  . SER A 1 48 ? 7.103   9.829   1.086   1.00 36.18 ? 48 SER A CB  1 
ATOM   390 O OG  . SER A 1 48 ? 7.221   9.858   2.493   1.00 40.98 ? 48 SER A OG  1 
ATOM   391 N N   . GLU A 1 49 ? 5.691   9.489   -1.653  1.00 34.97 ? 49 GLU A N   1 
ATOM   392 C CA  . GLU A 1 49 ? 5.440   9.884   -3.045  1.00 36.22 ? 49 GLU A CA  1 
ATOM   393 C C   . GLU A 1 49 ? 3.967   10.269  -3.218  1.00 36.66 ? 49 GLU A C   1 
ATOM   394 O O   . GLU A 1 49 ? 3.672   11.296  -3.837  1.00 37.21 ? 49 GLU A O   1 
ATOM   395 C CB  . GLU A 1 49 ? 5.851   8.808   -4.065  1.00 35.27 ? 49 GLU A CB  1 
ATOM   396 N N   . PHE A 1 50 ? 3.061   9.465   -2.657  1.00 36.67 ? 50 PHE A N   1 
ATOM   397 C CA  . PHE A 1 50 ? 1.631   9.776   -2.717  1.00 38.14 ? 50 PHE A CA  1 
ATOM   398 C C   . PHE A 1 50 ? 1.358   11.125  -2.079  1.00 40.35 ? 50 PHE A C   1 
ATOM   399 O O   . PHE A 1 50 ? 0.702   11.940  -2.687  1.00 41.51 ? 50 PHE A O   1 
ATOM   400 C CB  . PHE A 1 50 ? 0.749   8.686   -2.061  1.00 36.00 ? 50 PHE A CB  1 
ATOM   401 C CG  . PHE A 1 50 ? -0.706  9.065   -1.943  1.00 33.19 ? 50 PHE A CG  1 
ATOM   402 C CD1 . PHE A 1 50 ? -1.533  9.008   -3.035  1.00 32.06 ? 50 PHE A CD1 1 
ATOM   403 C CD2 . PHE A 1 50 ? -1.230  9.476   -0.737  1.00 31.81 ? 50 PHE A CD2 1 
ATOM   404 C CE1 . PHE A 1 50 ? -2.871  9.366   -2.931  1.00 31.93 ? 50 PHE A CE1 1 
ATOM   405 C CE2 . PHE A 1 50 ? -2.541  9.863   -0.631  1.00 34.06 ? 50 PHE A CE2 1 
ATOM   406 C CZ  . PHE A 1 50 ? -3.370  9.803   -1.739  1.00 32.45 ? 50 PHE A CZ  1 
ATOM   407 N N   . MET A 1 51 ? 1.862   11.362  -0.877  1.00 43.83 ? 51 MET A N   1 
ATOM   408 C CA  . MET A 1 51 ? 1.603   12.619  -0.164  1.00 48.05 ? 51 MET A CA  1 
ATOM   409 C C   . MET A 1 51 ? 2.152   13.869  -0.825  1.00 49.55 ? 51 MET A C   1 
ATOM   410 O O   . MET A 1 51 ? 1.716   14.953  -0.496  1.00 50.26 ? 51 MET A O   1 
ATOM   411 C CB  . MET A 1 51 ? 2.100   12.580  1.276   1.00 49.15 ? 51 MET A CB  1 
ATOM   412 C CG  . MET A 1 51 ? 1.613   11.400  2.087   1.00 54.27 ? 51 MET A CG  1 
ATOM   413 S SD  . MET A 1 51 ? 0.149   11.726  3.061   1.00 67.17 ? 51 MET A SD  1 
ATOM   414 C CE  . MET A 1 51 ? -1.196  11.531  1.884   1.00 64.00 ? 51 MET A CE  1 
ATOM   415 N N   . LYS A 1 52 ? 3.104   13.745  -1.736  1.00 51.73 ? 52 LYS A N   1 
ATOM   416 C CA  . LYS A 1 52 ? 3.273   14.807  -2.710  1.00 54.04 ? 52 LYS A CA  1 
ATOM   417 C C   . LYS A 1 52 ? 2.086   14.608  -3.647  1.00 55.01 ? 52 LYS A C   1 
ATOM   418 O O   . LYS A 1 52 ? 1.693   15.505  -4.390  1.00 57.22 ? 52 LYS A O   1 
ATOM   419 C CB  . LYS A 1 52 ? 4.572   14.657  -3.495  1.00 54.52 ? 52 LYS A CB  1 
ATOM   420 C CG  . LYS A 1 52 ? 5.793   14.312  -2.669  1.00 56.42 ? 52 LYS A CG  1 
ATOM   421 C CD  . LYS A 1 52 ? 7.004   14.150  -3.605  1.00 60.81 ? 52 LYS A CD  1 
ATOM   422 C CE  . LYS A 1 52 ? 8.088   13.233  -3.024  1.00 62.76 ? 52 LYS A CE  1 
ATOM   423 N NZ  . LYS A 1 52 ? 8.551   13.663  -1.663  1.00 63.99 ? 52 LYS A NZ  1 
ATOM   424 N N   . ALA B 2 1  ? 19.881  -7.273  2.411   1.00 38.33 ? 10 ALA T N   1 
ATOM   425 C CA  . ALA B 2 1  ? 19.825  -6.021  3.218   1.00 37.48 ? 10 ALA T CA  1 
ATOM   426 C C   . ALA B 2 1  ? 19.324  -4.832  2.427   1.00 36.11 ? 10 ALA T C   1 
ATOM   427 O O   . ALA B 2 1  ? 19.041  -3.792  3.008   1.00 35.28 ? 10 ALA T O   1 
ATOM   428 C CB  . ALA B 2 1  ? 21.130  -5.728  3.862   1.00 37.12 ? 10 ALA T CB  1 
ATOM   429 N N   . ARG B 2 2  ? 19.243  -4.986  1.114   1.00 35.44 ? 11 ARG T N   1 
ATOM   430 C CA  . ARG B 2 2  ? 18.552  -4.018  0.263   1.00 36.36 ? 11 ARG T CA  1 
ATOM   431 C C   . ARG B 2 2  ? 17.057  -3.944  0.693   1.00 36.17 ? 11 ARG T C   1 
ATOM   432 O O   . ARG B 2 2  ? 16.476  -4.970  1.025   1.00 35.40 ? 11 ARG T O   1 
ATOM   433 C CB  . ARG B 2 2  ? 18.683  -4.545  -1.153  1.00 36.33 ? 11 ARG T CB  1 
ATOM   434 C CG  . ARG B 2 2  ? 17.740  -4.026  -2.199  1.00 38.32 ? 11 ARG T CG  1 
ATOM   435 C CD  . ARG B 2 2  ? 18.128  -4.624  -3.595  1.00 40.28 ? 11 ARG T CD  1 
ATOM   436 N NE  . ARG B 2 2  ? 18.128  -6.074  -3.610  1.00 47.82 ? 11 ARG T NE  1 
ATOM   437 C CZ  . ARG B 2 2  ? 19.099  -6.889  -4.014  1.00 49.88 ? 11 ARG T CZ  1 
ATOM   438 N NH1 . ARG B 2 2  ? 20.245  -6.456  -4.461  1.00 52.56 ? 11 ARG T NH1 1 
ATOM   439 N NH2 . ARG B 2 2  ? 18.904  -8.194  -3.950  1.00 52.47 ? 11 ARG T NH2 1 
ATOM   440 N N   . THR B 2 3  ? 16.433  -2.768  0.682   1.00 35.97 ? 12 THR T N   1 
ATOM   441 C CA  . THR B 2 3  ? 15.051  -2.643  1.170   1.00 36.66 ? 12 THR T CA  1 
ATOM   442 C C   . THR B 2 3  ? 14.102  -2.939  0.020   1.00 35.78 ? 12 THR T C   1 
ATOM   443 O O   . THR B 2 3  ? 14.492  -2.860  -1.124  1.00 36.03 ? 12 THR T O   1 
ATOM   444 C CB  . THR B 2 3  ? 14.763  -1.231  1.611   1.00 36.56 ? 12 THR T CB  1 
ATOM   445 O OG1 . THR B 2 3  ? 15.092  -0.360  0.527   1.00 40.69 ? 12 THR T OG1 1 
ATOM   446 C CG2 . THR B 2 3  ? 15.627  -0.830  2.818   1.00 38.78 ? 12 THR T CG2 1 
ATOM   447 N N   . LYS B 2 4  ? 12.854  -3.281  0.328   1.00 34.96 ? 13 LYS T N   1 
ATOM   448 C CA  . LYS B 2 4  ? 11.789  -3.386  -0.663  1.00 33.37 ? 13 LYS T CA  1 
ATOM   449 C C   . LYS B 2 4  ? 10.542  -2.705  -0.091  1.00 32.65 ? 13 LYS T C   1 
ATOM   450 O O   . LYS B 2 4  ? 10.342  -2.654  1.137   1.00 32.90 ? 13 LYS T O   1 
ATOM   451 C CB  . LYS B 2 4  ? 11.491  -4.850  -0.995  1.00 34.99 ? 13 LYS T CB  1 
ATOM   452 N N   . GLN B 2 5  ? 9.719   -2.141  -0.965  1.00 31.39 ? 14 GLN T N   1 
ATOM   453 C CA  . GLN B 2 5  ? 8.480   -1.499  -0.528  1.00 30.45 ? 14 GLN T CA  1 
ATOM   454 C C   . GLN B 2 5  ? 7.429   -2.625  -0.478  1.00 29.25 ? 14 GLN T C   1 
ATOM   455 O O   . GLN B 2 5  ? 7.088   -3.155  -1.522  1.00 28.65 ? 14 GLN T O   1 
ATOM   456 C CB  . GLN B 2 5  ? 8.076   -0.396  -1.503  1.00 30.26 ? 14 GLN T CB  1 
ATOM   457 C CG  . GLN B 2 5  ? 9.121   0.700   -1.676  1.00 31.43 ? 14 GLN T CG  1 
ATOM   458 C CD  . GLN B 2 5  ? 9.332   1.492   -0.402  1.00 35.60 ? 14 GLN T CD  1 
ATOM   459 O OE1 . GLN B 2 5  ? 10.433  1.490   0.204   1.00 39.18 ? 14 GLN T OE1 1 
ATOM   460 N NE2 . GLN B 2 5  ? 8.279   2.154   0.041   1.00 30.57 ? 14 GLN T NE2 1 
ATOM   461 N N   . THR B 2 6  ? 6.940   -2.999  0.721   1.00 28.78 ? 15 THR T N   1 
ATOM   462 C CA  . THR B 2 6  ? 5.960   -4.100  0.822   1.00 28.11 ? 15 THR T CA  1 
ATOM   463 C C   . THR B 2 6  ? 4.746   -3.752  1.688   1.00 26.27 ? 15 THR T C   1 
ATOM   464 O O   . THR B 2 6  ? 4.727   -2.754  2.397   1.00 25.21 ? 15 THR T O   1 
ATOM   465 C CB  . THR B 2 6  ? 6.583   -5.382  1.429   1.00 28.79 ? 15 THR T CB  1 
ATOM   466 O OG1 . THR B 2 6  ? 7.060   -5.050  2.726   1.00 32.14 ? 15 THR T OG1 1 
ATOM   467 C CG2 . THR B 2 6  ? 7.768   -5.876  0.596   1.00 30.96 ? 15 THR T CG2 1 
ATOM   468 N N   . ALA B 2 7  ? 3.745   -4.621  1.647   1.00 24.77 ? 16 ALA T N   1 
ATOM   469 C CA  . ALA B 2 7  ? 2.589   -4.498  2.542   1.00 24.52 ? 16 ALA T CA  1 
ATOM   470 C C   . ALA B 2 7  ? 1.977   -5.881  2.716   1.00 24.14 ? 16 ALA T C   1 
ATOM   471 O O   . ALA B 2 7  ? 2.096   -6.706  1.820   1.00 24.22 ? 16 ALA T O   1 
ATOM   472 C CB  . ALA B 2 7  ? 1.552   -3.551  1.919   1.00 23.39 ? 16 ALA T CB  1 
ATOM   473 N N   . ARG B 2 8  ? 1.318   -6.123  3.852   1.00 25.23 ? 17 ARG T N   1 
ATOM   474 C CA  . ARG B 2 8  ? 0.497   -7.333  4.050   1.00 26.64 ? 17 ARG T CA  1 
ATOM   475 C C   . ARG B 2 8  ? -0.874  -7.080  3.453   1.00 27.48 ? 17 ARG T C   1 
ATOM   476 O O   . ARG B 2 8  ? -1.448  -6.009  3.637   1.00 27.25 ? 17 ARG T O   1 
ATOM   477 C CB  . ARG B 2 8  ? 0.292   -7.626  5.543   1.00 26.49 ? 17 ARG T CB  1 
HETATM 478 N N   . M3L B 2 9  ? -1.407  -8.050  2.744   1.00 27.86 ? 18 M3L T N   1 
HETATM 479 C CA  . M3L B 2 9  ? -2.701  -7.902  2.156   1.00 30.59 ? 18 M3L T CA  1 
HETATM 480 C CB  . M3L B 2 9  ? -2.503  -8.696  0.912   1.00 30.12 ? 18 M3L T CB  1 
HETATM 481 C CG  . M3L B 2 9  ? -3.594  -8.642  -0.109  1.00 33.78 ? 18 M3L T CG  1 
HETATM 482 C CD  . M3L B 2 9  ? -2.746  -8.647  -1.379  1.00 40.30 ? 18 M3L T CD  1 
HETATM 483 C CE  . M3L B 2 9  ? -3.565  -9.308  -2.446  1.00 40.56 ? 18 M3L T CE  1 
HETATM 484 N NZ  . M3L B 2 9  ? -2.876  -9.552  -3.714  1.00 38.67 ? 18 M3L T NZ  1 
HETATM 485 C C   . M3L B 2 9  ? -3.716  -8.575  3.044   1.00 31.32 ? 18 M3L T C   1 
HETATM 486 O O   . M3L B 2 9  ? -3.514  -9.706  3.412   1.00 31.98 ? 18 M3L T O   1 
HETATM 487 C CM1 . M3L B 2 9  ? -3.789  -9.064  -4.739  1.00 38.42 ? 18 M3L T CM1 1 
HETATM 488 C CM2 . M3L B 2 9  ? -2.696  -10.986 -3.849  1.00 36.80 ? 18 M3L T CM2 1 
HETATM 489 C CM3 . M3L B 2 9  ? -1.578  -8.922  -3.902  1.00 38.80 ? 18 M3L T CM3 1 
ATOM   490 N N   . SER B 2 10 ? -4.797  -7.892  3.398   1.00 33.54 ? 19 SER T N   1 
ATOM   491 C CA  . SER B 2 10 ? -5.754  -8.395  4.407   1.00 36.10 ? 19 SER T CA  1 
ATOM   492 C C   . SER B 2 10 ? -6.350  -9.766  4.044   1.00 37.34 ? 19 SER T C   1 
ATOM   493 O O   . SER B 2 10 ? -6.659  -10.012 2.857   1.00 39.02 ? 19 SER T O   1 
ATOM   494 C CB  . SER B 2 10 ? -6.896  -7.395  4.579   1.00 36.70 ? 19 SER T CB  1 
ATOM   495 O OG  . SER B 2 10 ? -6.474  -6.255  5.303   1.00 40.12 ? 19 SER T OG  1 
HETATM 496 O O   . HOH C 3 .  ? -10.120 -3.739  -1.194  1.00 26.61 ? 60 HOH A O   1 
HETATM 497 O O   . HOH C 3 .  ? -2.638  -4.516  -7.876  1.00 28.05 ? 61 HOH A O   1 
HETATM 498 O O   . HOH C 3 .  ? -3.900  0.915   10.668  1.00 29.10 ? 62 HOH A O   1 
HETATM 499 O O   . HOH C 3 .  ? -13.264 7.655   11.026  1.00 38.20 ? 63 HOH A O   1 
HETATM 500 O O   . HOH C 3 .  ? 3.212   5.839   -4.326  1.00 26.18 ? 64 HOH A O   1 
HETATM 501 O O   . HOH C 3 .  ? 3.698   -7.908  -5.712  1.00 34.29 ? 65 HOH A O   1 
HETATM 502 O O   . HOH C 3 .  ? -15.054 -3.291  9.208   1.00 27.60 ? 66 HOH A O   1 
HETATM 503 O O   . HOH C 3 .  ? -2.816  8.962   -6.965  1.00 41.75 ? 67 HOH A O   1 
HETATM 504 O O   . HOH C 3 .  ? -8.828  -0.112  -8.133  1.00 36.21 ? 68 HOH A O   1 
HETATM 505 O O   . HOH C 3 .  ? 5.311   -9.673  -4.405  1.00 31.63 ? 69 HOH A O   1 
HETATM 506 O O   . HOH C 3 .  ? 0.299   3.504   -11.863 1.00 54.28 ? 70 HOH A O   1 
HETATM 507 O O   . HOH C 3 .  ? 4.643   2.366   5.790   1.00 35.78 ? 71 HOH A O   1 
HETATM 508 O O   . HOH C 3 .  ? -5.607  -12.779 -12.871 1.00 52.77 ? 72 HOH A O   1 
HETATM 509 O O   . HOH C 3 .  ? -11.643 9.889   3.650   1.00 42.52 ? 73 HOH A O   1 
HETATM 510 O O   . HOH C 3 .  ? -0.358  17.120  -2.729  1.00 55.70 ? 74 HOH A O   1 
HETATM 511 O O   . HOH C 3 .  ? -7.313  -2.368  11.686  0.50 37.90 ? 75 HOH A O   1 
HETATM 512 O O   . HOH C 3 .  ? 3.849   -5.459  7.452   1.00 43.53 ? 76 HOH A O   1 
HETATM 513 O O   . HOH C 3 .  ? -0.804  -8.914  7.266   1.00 58.84 ? 77 HOH A O   1 
HETATM 514 O O   . HOH C 3 .  ? 6.507   -6.007  8.630   0.50 40.16 ? 78 HOH A O   1 
HETATM 515 O O   . HOH C 3 .  ? 5.348   -3.709  8.244   1.00 54.03 ? 79 HOH A O   1 
HETATM 516 O O   . HOH C 3 .  ? -7.649  11.132  3.279   1.00 56.97 ? 80 HOH A O   1 
HETATM 517 O O   . HOH C 3 .  ? -0.475  6.035   -11.159 1.00 51.67 ? 81 HOH A O   1 
HETATM 518 O O   . HOH C 3 .  ? 8.365   -1.304  -5.305  1.00 43.74 ? 82 HOH A O   1 
HETATM 519 O O   . HOH C 3 .  ? 13.296  7.695   2.918   1.00 43.10 ? 83 HOH A O   1 
HETATM 520 O O   . HOH C 3 .  ? 4.959   -13.833 -1.091  1.00 55.36 ? 84 HOH A O   1 
HETATM 521 O O   . HOH C 3 .  ? -15.356 -0.427  1.835   1.00 55.16 ? 85 HOH A O   1 
HETATM 522 O O   . HOH C 3 .  ? -13.054 1.813   -3.631  1.00 53.36 ? 86 HOH A O   1 
HETATM 523 O O   . HOH C 3 .  ? -13.665 4.307   -0.465  1.00 42.47 ? 87 HOH A O   1 
HETATM 524 O O   . HOH C 3 .  ? -12.942 7.266   -0.400  1.00 62.80 ? 88 HOH A O   1 
HETATM 525 O O   . HOH C 3 .  ? -8.023  8.527   12.616  1.00 54.25 ? 89 HOH A O   1 
HETATM 526 O O   . HOH C 3 .  ? 2.267   19.950  -4.292  1.00 59.49 ? 90 HOH A O   1 
HETATM 527 O O   . HOH C 3 .  ? -4.218  9.754   12.215  1.00 72.92 ? 91 HOH A O   1 
HETATM 528 O O   . HOH D 3 .  ? 12.747  0.244   -1.325  1.00 39.05 ? 25 HOH T O   1 
HETATM 529 O O   . HOH D 3 .  ? 10.405  -2.306  -3.645  1.00 46.82 ? 26 HOH T O   1 
# 
loop_
_pdbx_poly_seq_scheme.asym_id 
_pdbx_poly_seq_scheme.entity_id 
_pdbx_poly_seq_scheme.seq_id 
_pdbx_poly_seq_scheme.mon_id 
_pdbx_poly_seq_scheme.ndb_seq_num 
_pdbx_poly_seq_scheme.pdb_seq_num 
_pdbx_poly_seq_scheme.auth_seq_num 
_pdbx_poly_seq_scheme.pdb_mon_id 
_pdbx_poly_seq_scheme.auth_mon_id 
_pdbx_poly_seq_scheme.pdb_strand_id 
_pdbx_poly_seq_scheme.pdb_ins_code 
_pdbx_poly_seq_scheme.hetero 
A 1 1  GLY 1  1  ?  ?   ?   A . n 
A 1 2  GLU 2  2  2  GLU GLU A . n 
A 1 3  GLU 3  3  3  GLU GLU A . n 
A 1 4  TYR 4  4  4  TYR TYR A . n 
A 1 5  VAL 5  5  5  VAL VAL A . n 
A 1 6  VAL 6  6  6  VAL VAL A . n 
A 1 7  GLU 7  7  7  GLU GLU A . n 
A 1 8  LYS 8  8  8  LYS LYS A . n 
A 1 9  VAL 9  9  9  VAL VAL A . n 
A 1 10 LEU 10 10 10 LEU LEU A . n 
A 1 11 ASP 11 11 11 ASP ASP A . n 
A 1 12 ARG 12 12 12 ARG ARG A . n 
A 1 13 ARG 13 13 13 ARG ARG A . n 
A 1 14 VAL 14 14 14 VAL VAL A . n 
A 1 15 VAL 15 15 15 VAL VAL A . n 
A 1 16 LYS 16 16 16 LYS LYS A . n 
A 1 17 GLY 17 17 17 GLY GLY A . n 
A 1 18 GLN 18 18 18 GLN GLN A . n 
A 1 19 VAL 19 19 19 VAL VAL A . n 
A 1 20 GLU 20 20 20 GLU GLU A . n 
A 1 21 TYR 21 21 21 TYR TYR A . n 
A 1 22 LEU 22 22 22 LEU LEU A . n 
A 1 23 LEU 23 23 23 LEU LEU A . n 
A 1 24 LYS 24 24 24 LYS LYS A . n 
A 1 25 TRP 25 25 25 TRP TRP A . n 
A 1 26 LYS 26 26 26 LYS LYS A . n 
A 1 27 GLY 27 27 27 GLY GLY A . n 
A 1 28 PHE 28 28 28 PHE PHE A . n 
A 1 29 SER 29 29 29 SER SER A . n 
A 1 30 GLU 30 30 30 GLU GLU A . n 
A 1 31 GLU 31 31 31 GLU GLU A . n 
A 1 32 HIS 32 32 32 HIS HIS A . n 
A 1 33 ASN 33 33 33 ASN ASN A . n 
A 1 34 THR 34 34 34 THR THR A . n 
A 1 35 TRP 35 35 35 TRP TRP A . n 
A 1 36 GLU 36 36 36 GLU GLU A . n 
A 1 37 PRO 37 37 37 PRO PRO A . n 
A 1 38 GLU 38 38 38 GLU GLU A . n 
A 1 39 LYS 39 39 39 LYS LYS A . n 
A 1 40 ASN 40 40 40 ASN ASN A . n 
A 1 41 LEU 41 41 41 LEU LEU A . n 
A 1 42 ASP 42 42 42 ASP ASP A . n 
A 1 43 CYS 43 43 43 CYS CYS A . n 
A 1 44 PRO 44 44 44 PRO PRO A . n 
A 1 45 GLU 45 45 45 GLU GLU A . n 
A 1 46 LEU 46 46 46 LEU LEU A . n 
A 1 47 ILE 47 47 47 ILE ILE A . n 
A 1 48 SER 48 48 48 SER SER A . n 
A 1 49 GLU 49 49 49 GLU GLU A . n 
A 1 50 PHE 50 50 50 PHE PHE A . n 
A 1 51 MET 51 51 51 MET MET A . n 
A 1 52 LYS 52 52 52 LYS LYS A . n 
A 1 53 LYS 53 53 ?  ?   ?   A . n 
A 1 54 TYR 54 54 ?  ?   ?   A . n 
A 1 55 LYS 55 55 ?  ?   ?   A . n 
A 1 56 LYS 56 56 ?  ?   ?   A . n 
A 1 57 MET 57 57 ?  ?   ?   A . n 
A 1 58 LYS 58 58 ?  ?   ?   A . n 
A 1 59 GLU 59 59 ?  ?   ?   A . n 
B 2 1  ALA 1  10 10 ALA ALA T . n 
B 2 2  ARG 2  11 11 ARG ARG T . n 
B 2 3  THR 3  12 12 THR THR T . n 
B 2 4  LYS 4  13 13 LYS LYS T . n 
B 2 5  GLN 5  14 14 GLN GLN T . n 
B 2 6  THR 6  15 15 THR THR T . n 
B 2 7  ALA 7  16 16 ALA ALA T . n 
B 2 8  ARG 8  17 17 ARG ARG T . n 
B 2 9  M3L 9  18 18 M3L M3L T . n 
B 2 10 SER 10 19 19 SER SER T . n 
B 2 11 THR 11 20 ?  ?   ?   T . n 
B 2 12 GLY 12 21 ?  ?   ?   T . n 
B 2 13 GLY 13 22 ?  ?   ?   T . n 
B 2 14 LYS 14 23 ?  ?   ?   T . n 
B 2 15 ALA 15 24 ?  ?   ?   T . n 
# 
_pdbx_SG_project.id                    1 
_pdbx_SG_project.project_name          ? 
_pdbx_SG_project.full_name_of_center   'Structural Genomics Consortium' 
_pdbx_SG_project.initial_of_center     SGC 
# 
loop_
_pdbx_nonpoly_scheme.asym_id 
_pdbx_nonpoly_scheme.entity_id 
_pdbx_nonpoly_scheme.mon_id 
_pdbx_nonpoly_scheme.ndb_seq_num 
_pdbx_nonpoly_scheme.pdb_seq_num 
_pdbx_nonpoly_scheme.auth_seq_num 
_pdbx_nonpoly_scheme.pdb_mon_id 
_pdbx_nonpoly_scheme.auth_mon_id 
_pdbx_nonpoly_scheme.pdb_strand_id 
_pdbx_nonpoly_scheme.pdb_ins_code 
C 3 HOH 1  60 1  HOH HOH A . 
C 3 HOH 2  61 2  HOH HOH A . 
C 3 HOH 3  62 3  HOH HOH A . 
C 3 HOH 4  63 4  HOH HOH A . 
C 3 HOH 5  64 5  HOH HOH A . 
C 3 HOH 6  65 6  HOH HOH A . 
C 3 HOH 7  66 7  HOH HOH A . 
C 3 HOH 8  67 8  HOH HOH A . 
C 3 HOH 9  68 9  HOH HOH A . 
C 3 HOH 10 69 10 HOH HOH A . 
C 3 HOH 11 70 11 HOH HOH A . 
C 3 HOH 12 71 12 HOH HOH A . 
C 3 HOH 13 72 15 HOH HOH A . 
C 3 HOH 14 73 16 HOH HOH A . 
C 3 HOH 15 74 17 HOH HOH A . 
C 3 HOH 16 75 18 HOH HOH A . 
C 3 HOH 17 76 19 HOH HOH A . 
C 3 HOH 18 77 20 HOH HOH A . 
C 3 HOH 19 78 21 HOH HOH A . 
C 3 HOH 20 79 22 HOH HOH A . 
C 3 HOH 21 80 23 HOH HOH A . 
C 3 HOH 22 81 24 HOH HOH A . 
C 3 HOH 23 82 25 HOH HOH A . 
C 3 HOH 24 83 26 HOH HOH A . 
C 3 HOH 25 84 28 HOH HOH A . 
C 3 HOH 26 85 29 HOH HOH A . 
C 3 HOH 27 86 31 HOH HOH A . 
C 3 HOH 28 87 35 HOH HOH A . 
C 3 HOH 29 88 36 HOH HOH A . 
C 3 HOH 30 89 37 HOH HOH A . 
C 3 HOH 31 90 38 HOH HOH A . 
C 3 HOH 32 91 39 HOH HOH A . 
D 3 HOH 1  25 13 HOH HOH T . 
D 3 HOH 2  26 14 HOH HOH T . 
# 
_pdbx_struct_mod_residue.id               1 
_pdbx_struct_mod_residue.label_asym_id    B 
_pdbx_struct_mod_residue.label_comp_id    M3L 
_pdbx_struct_mod_residue.label_seq_id     9 
_pdbx_struct_mod_residue.auth_asym_id     T 
_pdbx_struct_mod_residue.auth_comp_id     M3L 
_pdbx_struct_mod_residue.auth_seq_id      18 
_pdbx_struct_mod_residue.PDB_ins_code     ? 
_pdbx_struct_mod_residue.parent_comp_id   LYS 
_pdbx_struct_mod_residue.details          N-TRIMETHYLLYSINE 
# 
_pdbx_struct_assembly.id                   1 
_pdbx_struct_assembly.details              software_defined_assembly 
_pdbx_struct_assembly.method_details       PISA 
_pdbx_struct_assembly.oligomeric_details   dimeric 
_pdbx_struct_assembly.oligomeric_count     2 
# 
_pdbx_struct_assembly_gen.assembly_id       1 
_pdbx_struct_assembly_gen.oper_expression   1 
_pdbx_struct_assembly_gen.asym_id_list      A,B,C,D 
# 
loop_
_pdbx_struct_assembly_prop.biol_id 
_pdbx_struct_assembly_prop.type 
_pdbx_struct_assembly_prop.value 
_pdbx_struct_assembly_prop.details 
1 'ABSA (A^2)' 1150 ? 
1 MORE         -6   ? 
1 'SSA (A^2)'  4330 ? 
# 
_pdbx_struct_oper_list.id                   1 
_pdbx_struct_oper_list.type                 'identity operation' 
_pdbx_struct_oper_list.name                 1_555 
_pdbx_struct_oper_list.symmetry_operation   x,y,z 
_pdbx_struct_oper_list.matrix[1][1]         1.0000000000 
_pdbx_struct_oper_list.matrix[1][2]         0.0000000000 
_pdbx_struct_oper_list.matrix[1][3]         0.0000000000 
_pdbx_struct_oper_list.vector[1]            0.0000000000 
_pdbx_struct_oper_list.matrix[2][1]         0.0000000000 
_pdbx_struct_oper_list.matrix[2][2]         1.0000000000 
_pdbx_struct_oper_list.matrix[2][3]         0.0000000000 
_pdbx_struct_oper_list.vector[2]            0.0000000000 
_pdbx_struct_oper_list.matrix[3][1]         0.0000000000 
_pdbx_struct_oper_list.matrix[3][2]         0.0000000000 
_pdbx_struct_oper_list.matrix[3][3]         1.0000000000 
_pdbx_struct_oper_list.vector[3]            0.0000000000 
# 
loop_
_pdbx_struct_special_symmetry.id 
_pdbx_struct_special_symmetry.PDB_model_num 
_pdbx_struct_special_symmetry.auth_asym_id 
_pdbx_struct_special_symmetry.auth_comp_id 
_pdbx_struct_special_symmetry.auth_seq_id 
_pdbx_struct_special_symmetry.PDB_ins_code 
_pdbx_struct_special_symmetry.label_asym_id 
_pdbx_struct_special_symmetry.label_comp_id 
_pdbx_struct_special_symmetry.label_seq_id 
1 1 A HOH 75 ? C HOH . 
2 1 A HOH 78 ? C HOH . 
# 
loop_
_pdbx_audit_revision_history.ordinal 
_pdbx_audit_revision_history.data_content_type 
_pdbx_audit_revision_history.major_revision 
_pdbx_audit_revision_history.minor_revision 
_pdbx_audit_revision_history.revision_date 
1 'Structure model' 1 0 2009-01-13 
2 'Structure model' 1 1 2011-07-13 
3 'Structure model' 1 2 2017-11-01 
4 'Structure model' 1 3 2023-09-06 
# 
_pdbx_audit_revision_details.ordinal             1 
_pdbx_audit_revision_details.revision_ordinal    1 
_pdbx_audit_revision_details.data_content_type   'Structure model' 
_pdbx_audit_revision_details.provider            repository 
_pdbx_audit_revision_details.type                'Initial release' 
_pdbx_audit_revision_details.description         ? 
_pdbx_audit_revision_details.details             ? 
# 
loop_
_pdbx_audit_revision_group.ordinal 
_pdbx_audit_revision_group.revision_ordinal 
_pdbx_audit_revision_group.data_content_type 
_pdbx_audit_revision_group.group 
1 2 'Structure model' 'Version format compliance' 
2 3 'Structure model' 'Refinement description'    
3 3 'Structure model' 'Source and taxonomy'       
4 4 'Structure model' 'Data collection'           
5 4 'Structure model' 'Database references'       
6 4 'Structure model' 'Derived calculations'      
7 4 'Structure model' 'Refinement description'    
# 
loop_
_pdbx_audit_revision_category.ordinal 
_pdbx_audit_revision_category.revision_ordinal 
_pdbx_audit_revision_category.data_content_type 
_pdbx_audit_revision_category.category 
1 3 'Structure model' pdbx_entity_src_syn           
2 3 'Structure model' software                      
3 4 'Structure model' chem_comp_atom                
4 4 'Structure model' chem_comp_bond                
5 4 'Structure model' database_2                    
6 4 'Structure model' pdbx_initial_refinement_model 
7 4 'Structure model' struct_conn                   
8 4 'Structure model' struct_ref_seq_dif            
# 
loop_
_pdbx_audit_revision_item.ordinal 
_pdbx_audit_revision_item.revision_ordinal 
_pdbx_audit_revision_item.data_content_type 
_pdbx_audit_revision_item.item 
1 3 'Structure model' '_pdbx_entity_src_syn.details'             
2 3 'Structure model' '_pdbx_entity_src_syn.ncbi_taxonomy_id'    
3 3 'Structure model' '_pdbx_entity_src_syn.organism_scientific' 
4 4 'Structure model' '_database_2.pdbx_DOI'                     
5 4 'Structure model' '_database_2.pdbx_database_accession'      
6 4 'Structure model' '_struct_conn.pdbx_leaving_atom_flag'      
7 4 'Structure model' '_struct_ref_seq_dif.details'              
# 
loop_
_software.name 
_software.version 
_software.date 
_software.type 
_software.contact_author 
_software.contact_author_email 
_software.classification 
_software.location 
_software.language 
_software.citation_id 
_software.pdbx_ordinal 
DENZO       .        ?               package 'Zbyszek Otwinowski' hkl@hkl-xray.com      'data reduction'  http://www.hkl-xray.com/ 
?          ? 1 
SCALEPACK   .        ?               package 'Zbyszek Otwinowski' hkl@hkl-xray.com      'data scaling'    http://www.hkl-xray.com/ 
?          ? 2 
REFMAC      5.2.0019 ?               program 'Garib N. Murshudov' garib@ysbl.york.ac.uk refinement        
http://www.ccp4.ac.uk/dist/html/refmac5.html Fortran_77 ? 3 
PDB_EXTRACT 3.006    'June 11, 2008' package PDB                  help@deposit.rcsb.org 'data extraction' 
http://sw-tools.pdb.org/apps/PDB_EXTRACT/    C++        ? 4 
# 
loop_
_pdbx_validate_symm_contact.id 
_pdbx_validate_symm_contact.PDB_model_num 
_pdbx_validate_symm_contact.auth_atom_id_1 
_pdbx_validate_symm_contact.auth_asym_id_1 
_pdbx_validate_symm_contact.auth_comp_id_1 
_pdbx_validate_symm_contact.auth_seq_id_1 
_pdbx_validate_symm_contact.PDB_ins_code_1 
_pdbx_validate_symm_contact.label_alt_id_1 
_pdbx_validate_symm_contact.site_symmetry_1 
_pdbx_validate_symm_contact.auth_atom_id_2 
_pdbx_validate_symm_contact.auth_asym_id_2 
_pdbx_validate_symm_contact.auth_comp_id_2 
_pdbx_validate_symm_contact.auth_seq_id_2 
_pdbx_validate_symm_contact.PDB_ins_code_2 
_pdbx_validate_symm_contact.label_alt_id_2 
_pdbx_validate_symm_contact.site_symmetry_2 
_pdbx_validate_symm_contact.dist 
1 1 O A HOH 89 ? ? 1_555 O A HOH 91 ? ? 7_555 2.12 
2 1 O A HOH 89 ? ? 1_555 O A HOH 89 ? ? 7_555 2.13 
# 
loop_
_pdbx_unobs_or_zero_occ_atoms.id 
_pdbx_unobs_or_zero_occ_atoms.PDB_model_num 
_pdbx_unobs_or_zero_occ_atoms.polymer_flag 
_pdbx_unobs_or_zero_occ_atoms.occupancy_flag 
_pdbx_unobs_or_zero_occ_atoms.auth_asym_id 
_pdbx_unobs_or_zero_occ_atoms.auth_comp_id 
_pdbx_unobs_or_zero_occ_atoms.auth_seq_id 
_pdbx_unobs_or_zero_occ_atoms.PDB_ins_code 
_pdbx_unobs_or_zero_occ_atoms.auth_atom_id 
_pdbx_unobs_or_zero_occ_atoms.label_alt_id 
_pdbx_unobs_or_zero_occ_atoms.label_asym_id 
_pdbx_unobs_or_zero_occ_atoms.label_comp_id 
_pdbx_unobs_or_zero_occ_atoms.label_seq_id 
_pdbx_unobs_or_zero_occ_atoms.label_atom_id 
1  1 Y 1 A GLU 3  ? CG  ? A GLU 3  CG  
2  1 Y 1 A GLU 3  ? CD  ? A GLU 3  CD  
3  1 Y 1 A GLU 3  ? OE1 ? A GLU 3  OE1 
4  1 Y 1 A GLU 3  ? OE2 ? A GLU 3  OE2 
5  1 Y 1 A LYS 8  ? CG  ? A LYS 8  CG  
6  1 Y 1 A LYS 8  ? CD  ? A LYS 8  CD  
7  1 Y 1 A LYS 8  ? CE  ? A LYS 8  CE  
8  1 Y 1 A LYS 8  ? NZ  ? A LYS 8  NZ  
9  1 Y 1 A SER 29 ? OG  ? A SER 29 OG  
10 1 Y 1 A GLU 49 ? CG  ? A GLU 49 CG  
11 1 Y 1 A GLU 49 ? CD  ? A GLU 49 CD  
12 1 Y 1 A GLU 49 ? OE1 ? A GLU 49 OE1 
13 1 Y 1 A GLU 49 ? OE2 ? A GLU 49 OE2 
14 1 Y 1 T LYS 13 ? CG  ? B LYS 4  CG  
15 1 Y 1 T LYS 13 ? CD  ? B LYS 4  CD  
16 1 Y 1 T LYS 13 ? CE  ? B LYS 4  CE  
17 1 Y 1 T LYS 13 ? NZ  ? B LYS 4  NZ  
18 1 Y 1 T ARG 17 ? CG  ? B ARG 8  CG  
19 1 Y 1 T ARG 17 ? CD  ? B ARG 8  CD  
20 1 Y 1 T ARG 17 ? NE  ? B ARG 8  NE  
21 1 Y 1 T ARG 17 ? CZ  ? B ARG 8  CZ  
22 1 Y 1 T ARG 17 ? NH1 ? B ARG 8  NH1 
23 1 Y 1 T ARG 17 ? NH2 ? B ARG 8  NH2 
# 
loop_
_pdbx_unobs_or_zero_occ_residues.id 
_pdbx_unobs_or_zero_occ_residues.PDB_model_num 
_pdbx_unobs_or_zero_occ_residues.polymer_flag 
_pdbx_unobs_or_zero_occ_residues.occupancy_flag 
_pdbx_unobs_or_zero_occ_residues.auth_asym_id 
_pdbx_unobs_or_zero_occ_residues.auth_comp_id 
_pdbx_unobs_or_zero_occ_residues.auth_seq_id 
_pdbx_unobs_or_zero_occ_residues.PDB_ins_code 
_pdbx_unobs_or_zero_occ_residues.label_asym_id 
_pdbx_unobs_or_zero_occ_residues.label_comp_id 
_pdbx_unobs_or_zero_occ_residues.label_seq_id 
1  1 Y 1 A GLY 1  ? A GLY 1  
2  1 Y 1 A LYS 53 ? A LYS 53 
3  1 Y 1 A TYR 54 ? A TYR 54 
4  1 Y 1 A LYS 55 ? A LYS 55 
5  1 Y 1 A LYS 56 ? A LYS 56 
6  1 Y 1 A MET 57 ? A MET 57 
7  1 Y 1 A LYS 58 ? A LYS 58 
8  1 Y 1 A GLU 59 ? A GLU 59 
9  1 Y 1 T THR 20 ? B THR 11 
10 1 Y 1 T GLY 21 ? B GLY 12 
11 1 Y 1 T GLY 22 ? B GLY 13 
12 1 Y 1 T LYS 23 ? B LYS 14 
13 1 Y 1 T ALA 24 ? B ALA 15 
# 
loop_
_chem_comp_atom.comp_id 
_chem_comp_atom.atom_id 
_chem_comp_atom.type_symbol 
_chem_comp_atom.pdbx_aromatic_flag 
_chem_comp_atom.pdbx_stereo_config 
_chem_comp_atom.pdbx_ordinal 
ALA N    N N N 1   
ALA CA   C N S 2   
ALA C    C N N 3   
ALA O    O N N 4   
ALA CB   C N N 5   
ALA OXT  O N N 6   
ALA H    H N N 7   
ALA H2   H N N 8   
ALA HA   H N N 9   
ALA HB1  H N N 10  
ALA HB2  H N N 11  
ALA HB3  H N N 12  
ALA HXT  H N N 13  
ARG N    N N N 14  
ARG CA   C N S 15  
ARG C    C N N 16  
ARG O    O N N 17  
ARG CB   C N N 18  
ARG CG   C N N 19  
ARG CD   C N N 20  
ARG NE   N N N 21  
ARG CZ   C N N 22  
ARG NH1  N N N 23  
ARG NH2  N N N 24  
ARG OXT  O N N 25  
ARG H    H N N 26  
ARG H2   H N N 27  
ARG HA   H N N 28  
ARG HB2  H N N 29  
ARG HB3  H N N 30  
ARG HG2  H N N 31  
ARG HG3  H N N 32  
ARG HD2  H N N 33  
ARG HD3  H N N 34  
ARG HE   H N N 35  
ARG HH11 H N N 36  
ARG HH12 H N N 37  
ARG HH21 H N N 38  
ARG HH22 H N N 39  
ARG HXT  H N N 40  
ASN N    N N N 41  
ASN CA   C N S 42  
ASN C    C N N 43  
ASN O    O N N 44  
ASN CB   C N N 45  
ASN CG   C N N 46  
ASN OD1  O N N 47  
ASN ND2  N N N 48  
ASN OXT  O N N 49  
ASN H    H N N 50  
ASN H2   H N N 51  
ASN HA   H N N 52  
ASN HB2  H N N 53  
ASN HB3  H N N 54  
ASN HD21 H N N 55  
ASN HD22 H N N 56  
ASN HXT  H N N 57  
ASP N    N N N 58  
ASP CA   C N S 59  
ASP C    C N N 60  
ASP O    O N N 61  
ASP CB   C N N 62  
ASP CG   C N N 63  
ASP OD1  O N N 64  
ASP OD2  O N N 65  
ASP OXT  O N N 66  
ASP H    H N N 67  
ASP H2   H N N 68  
ASP HA   H N N 69  
ASP HB2  H N N 70  
ASP HB3  H N N 71  
ASP HD2  H N N 72  
ASP HXT  H N N 73  
CYS N    N N N 74  
CYS CA   C N R 75  
CYS C    C N N 76  
CYS O    O N N 77  
CYS CB   C N N 78  
CYS SG   S N N 79  
CYS OXT  O N N 80  
CYS H    H N N 81  
CYS H2   H N N 82  
CYS HA   H N N 83  
CYS HB2  H N N 84  
CYS HB3  H N N 85  
CYS HG   H N N 86  
CYS HXT  H N N 87  
GLN N    N N N 88  
GLN CA   C N S 89  
GLN C    C N N 90  
GLN O    O N N 91  
GLN CB   C N N 92  
GLN CG   C N N 93  
GLN CD   C N N 94  
GLN OE1  O N N 95  
GLN NE2  N N N 96  
GLN OXT  O N N 97  
GLN H    H N N 98  
GLN H2   H N N 99  
GLN HA   H N N 100 
GLN HB2  H N N 101 
GLN HB3  H N N 102 
GLN HG2  H N N 103 
GLN HG3  H N N 104 
GLN HE21 H N N 105 
GLN HE22 H N N 106 
GLN HXT  H N N 107 
GLU N    N N N 108 
GLU CA   C N S 109 
GLU C    C N N 110 
GLU O    O N N 111 
GLU CB   C N N 112 
GLU CG   C N N 113 
GLU CD   C N N 114 
GLU OE1  O N N 115 
GLU OE2  O N N 116 
GLU OXT  O N N 117 
GLU H    H N N 118 
GLU H2   H N N 119 
GLU HA   H N N 120 
GLU HB2  H N N 121 
GLU HB3  H N N 122 
GLU HG2  H N N 123 
GLU HG3  H N N 124 
GLU HE2  H N N 125 
GLU HXT  H N N 126 
GLY N    N N N 127 
GLY CA   C N N 128 
GLY C    C N N 129 
GLY O    O N N 130 
GLY OXT  O N N 131 
GLY H    H N N 132 
GLY H2   H N N 133 
GLY HA2  H N N 134 
GLY HA3  H N N 135 
GLY HXT  H N N 136 
HIS N    N N N 137 
HIS CA   C N S 138 
HIS C    C N N 139 
HIS O    O N N 140 
HIS CB   C N N 141 
HIS CG   C Y N 142 
HIS ND1  N Y N 143 
HIS CD2  C Y N 144 
HIS CE1  C Y N 145 
HIS NE2  N Y N 146 
HIS OXT  O N N 147 
HIS H    H N N 148 
HIS H2   H N N 149 
HIS HA   H N N 150 
HIS HB2  H N N 151 
HIS HB3  H N N 152 
HIS HD1  H N N 153 
HIS HD2  H N N 154 
HIS HE1  H N N 155 
HIS HE2  H N N 156 
HIS HXT  H N N 157 
HOH O    O N N 158 
HOH H1   H N N 159 
HOH H2   H N N 160 
ILE N    N N N 161 
ILE CA   C N S 162 
ILE C    C N N 163 
ILE O    O N N 164 
ILE CB   C N S 165 
ILE CG1  C N N 166 
ILE CG2  C N N 167 
ILE CD1  C N N 168 
ILE OXT  O N N 169 
ILE H    H N N 170 
ILE H2   H N N 171 
ILE HA   H N N 172 
ILE HB   H N N 173 
ILE HG12 H N N 174 
ILE HG13 H N N 175 
ILE HG21 H N N 176 
ILE HG22 H N N 177 
ILE HG23 H N N 178 
ILE HD11 H N N 179 
ILE HD12 H N N 180 
ILE HD13 H N N 181 
ILE HXT  H N N 182 
LEU N    N N N 183 
LEU CA   C N S 184 
LEU C    C N N 185 
LEU O    O N N 186 
LEU CB   C N N 187 
LEU CG   C N N 188 
LEU CD1  C N N 189 
LEU CD2  C N N 190 
LEU OXT  O N N 191 
LEU H    H N N 192 
LEU H2   H N N 193 
LEU HA   H N N 194 
LEU HB2  H N N 195 
LEU HB3  H N N 196 
LEU HG   H N N 197 
LEU HD11 H N N 198 
LEU HD12 H N N 199 
LEU HD13 H N N 200 
LEU HD21 H N N 201 
LEU HD22 H N N 202 
LEU HD23 H N N 203 
LEU HXT  H N N 204 
LYS N    N N N 205 
LYS CA   C N S 206 
LYS C    C N N 207 
LYS O    O N N 208 
LYS CB   C N N 209 
LYS CG   C N N 210 
LYS CD   C N N 211 
LYS CE   C N N 212 
LYS NZ   N N N 213 
LYS OXT  O N N 214 
LYS H    H N N 215 
LYS H2   H N N 216 
LYS HA   H N N 217 
LYS HB2  H N N 218 
LYS HB3  H N N 219 
LYS HG2  H N N 220 
LYS HG3  H N N 221 
LYS HD2  H N N 222 
LYS HD3  H N N 223 
LYS HE2  H N N 224 
LYS HE3  H N N 225 
LYS HZ1  H N N 226 
LYS HZ2  H N N 227 
LYS HZ3  H N N 228 
LYS HXT  H N N 229 
M3L N    N N N 230 
M3L CA   C N S 231 
M3L CB   C N N 232 
M3L CG   C N N 233 
M3L CD   C N N 234 
M3L CE   C N N 235 
M3L NZ   N N N 236 
M3L C    C N N 237 
M3L O    O N N 238 
M3L OXT  O N N 239 
M3L CM1  C N N 240 
M3L CM2  C N N 241 
M3L CM3  C N N 242 
M3L H    H N N 243 
M3L H2   H N N 244 
M3L HA   H N N 245 
M3L HB2  H N N 246 
M3L HB3  H N N 247 
M3L HG2  H N N 248 
M3L HG3  H N N 249 
M3L HD2  H N N 250 
M3L HD3  H N N 251 
M3L HE2  H N N 252 
M3L HE3  H N N 253 
M3L HXT  H N N 254 
M3L HM11 H N N 255 
M3L HM12 H N N 256 
M3L HM13 H N N 257 
M3L HM21 H N N 258 
M3L HM22 H N N 259 
M3L HM23 H N N 260 
M3L HM31 H N N 261 
M3L HM32 H N N 262 
M3L HM33 H N N 263 
MET N    N N N 264 
MET CA   C N S 265 
MET C    C N N 266 
MET O    O N N 267 
MET CB   C N N 268 
MET CG   C N N 269 
MET SD   S N N 270 
MET CE   C N N 271 
MET OXT  O N N 272 
MET H    H N N 273 
MET H2   H N N 274 
MET HA   H N N 275 
MET HB2  H N N 276 
MET HB3  H N N 277 
MET HG2  H N N 278 
MET HG3  H N N 279 
MET HE1  H N N 280 
MET HE2  H N N 281 
MET HE3  H N N 282 
MET HXT  H N N 283 
PHE N    N N N 284 
PHE CA   C N S 285 
PHE C    C N N 286 
PHE O    O N N 287 
PHE CB   C N N 288 
PHE CG   C Y N 289 
PHE CD1  C Y N 290 
PHE CD2  C Y N 291 
PHE CE1  C Y N 292 
PHE CE2  C Y N 293 
PHE CZ   C Y N 294 
PHE OXT  O N N 295 
PHE H    H N N 296 
PHE H2   H N N 297 
PHE HA   H N N 298 
PHE HB2  H N N 299 
PHE HB3  H N N 300 
PHE HD1  H N N 301 
PHE HD2  H N N 302 
PHE HE1  H N N 303 
PHE HE2  H N N 304 
PHE HZ   H N N 305 
PHE HXT  H N N 306 
PRO N    N N N 307 
PRO CA   C N S 308 
PRO C    C N N 309 
PRO O    O N N 310 
PRO CB   C N N 311 
PRO CG   C N N 312 
PRO CD   C N N 313 
PRO OXT  O N N 314 
PRO H    H N N 315 
PRO HA   H N N 316 
PRO HB2  H N N 317 
PRO HB3  H N N 318 
PRO HG2  H N N 319 
PRO HG3  H N N 320 
PRO HD2  H N N 321 
PRO HD3  H N N 322 
PRO HXT  H N N 323 
SER N    N N N 324 
SER CA   C N S 325 
SER C    C N N 326 
SER O    O N N 327 
SER CB   C N N 328 
SER OG   O N N 329 
SER OXT  O N N 330 
SER H    H N N 331 
SER H2   H N N 332 
SER HA   H N N 333 
SER HB2  H N N 334 
SER HB3  H N N 335 
SER HG   H N N 336 
SER HXT  H N N 337 
THR N    N N N 338 
THR CA   C N S 339 
THR C    C N N 340 
THR O    O N N 341 
THR CB   C N R 342 
THR OG1  O N N 343 
THR CG2  C N N 344 
THR OXT  O N N 345 
THR H    H N N 346 
THR H2   H N N 347 
THR HA   H N N 348 
THR HB   H N N 349 
THR HG1  H N N 350 
THR HG21 H N N 351 
THR HG22 H N N 352 
THR HG23 H N N 353 
THR HXT  H N N 354 
TRP N    N N N 355 
TRP CA   C N S 356 
TRP C    C N N 357 
TRP O    O N N 358 
TRP CB   C N N 359 
TRP CG   C Y N 360 
TRP CD1  C Y N 361 
TRP CD2  C Y N 362 
TRP NE1  N Y N 363 
TRP CE2  C Y N 364 
TRP CE3  C Y N 365 
TRP CZ2  C Y N 366 
TRP CZ3  C Y N 367 
TRP CH2  C Y N 368 
TRP OXT  O N N 369 
TRP H    H N N 370 
TRP H2   H N N 371 
TRP HA   H N N 372 
TRP HB2  H N N 373 
TRP HB3  H N N 374 
TRP HD1  H N N 375 
TRP HE1  H N N 376 
TRP HE3  H N N 377 
TRP HZ2  H N N 378 
TRP HZ3  H N N 379 
TRP HH2  H N N 380 
TRP HXT  H N N 381 
TYR N    N N N 382 
TYR CA   C N S 383 
TYR C    C N N 384 
TYR O    O N N 385 
TYR CB   C N N 386 
TYR CG   C Y N 387 
TYR CD1  C Y N 388 
TYR CD2  C Y N 389 
TYR CE1  C Y N 390 
TYR CE2  C Y N 391 
TYR CZ   C Y N 392 
TYR OH   O N N 393 
TYR OXT  O N N 394 
TYR H    H N N 395 
TYR H2   H N N 396 
TYR HA   H N N 397 
TYR HB2  H N N 398 
TYR HB3  H N N 399 
TYR HD1  H N N 400 
TYR HD2  H N N 401 
TYR HE1  H N N 402 
TYR HE2  H N N 403 
TYR HH   H N N 404 
TYR HXT  H N N 405 
VAL N    N N N 406 
VAL CA   C N S 407 
VAL C    C N N 408 
VAL O    O N N 409 
VAL CB   C N N 410 
VAL CG1  C N N 411 
VAL CG2  C N N 412 
VAL OXT  O N N 413 
VAL H    H N N 414 
VAL H2   H N N 415 
VAL HA   H N N 416 
VAL HB   H N N 417 
VAL HG11 H N N 418 
VAL HG12 H N N 419 
VAL HG13 H N N 420 
VAL HG21 H N N 421 
VAL HG22 H N N 422 
VAL HG23 H N N 423 
VAL HXT  H N N 424 
# 
loop_
_chem_comp_bond.comp_id 
_chem_comp_bond.atom_id_1 
_chem_comp_bond.atom_id_2 
_chem_comp_bond.value_order 
_chem_comp_bond.pdbx_aromatic_flag 
_chem_comp_bond.pdbx_stereo_config 
_chem_comp_bond.pdbx_ordinal 
ALA N   CA   sing N N 1   
ALA N   H    sing N N 2   
ALA N   H2   sing N N 3   
ALA CA  C    sing N N 4   
ALA CA  CB   sing N N 5   
ALA CA  HA   sing N N 6   
ALA C   O    doub N N 7   
ALA C   OXT  sing N N 8   
ALA CB  HB1  sing N N 9   
ALA CB  HB2  sing N N 10  
ALA CB  HB3  sing N N 11  
ALA OXT HXT  sing N N 12  
ARG N   CA   sing N N 13  
ARG N   H    sing N N 14  
ARG N   H2   sing N N 15  
ARG CA  C    sing N N 16  
ARG CA  CB   sing N N 17  
ARG CA  HA   sing N N 18  
ARG C   O    doub N N 19  
ARG C   OXT  sing N N 20  
ARG CB  CG   sing N N 21  
ARG CB  HB2  sing N N 22  
ARG CB  HB3  sing N N 23  
ARG CG  CD   sing N N 24  
ARG CG  HG2  sing N N 25  
ARG CG  HG3  sing N N 26  
ARG CD  NE   sing N N 27  
ARG CD  HD2  sing N N 28  
ARG CD  HD3  sing N N 29  
ARG NE  CZ   sing N N 30  
ARG NE  HE   sing N N 31  
ARG CZ  NH1  sing N N 32  
ARG CZ  NH2  doub N N 33  
ARG NH1 HH11 sing N N 34  
ARG NH1 HH12 sing N N 35  
ARG NH2 HH21 sing N N 36  
ARG NH2 HH22 sing N N 37  
ARG OXT HXT  sing N N 38  
ASN N   CA   sing N N 39  
ASN N   H    sing N N 40  
ASN N   H2   sing N N 41  
ASN CA  C    sing N N 42  
ASN CA  CB   sing N N 43  
ASN CA  HA   sing N N 44  
ASN C   O    doub N N 45  
ASN C   OXT  sing N N 46  
ASN CB  CG   sing N N 47  
ASN CB  HB2  sing N N 48  
ASN CB  HB3  sing N N 49  
ASN CG  OD1  doub N N 50  
ASN CG  ND2  sing N N 51  
ASN ND2 HD21 sing N N 52  
ASN ND2 HD22 sing N N 53  
ASN OXT HXT  sing N N 54  
ASP N   CA   sing N N 55  
ASP N   H    sing N N 56  
ASP N   H2   sing N N 57  
ASP CA  C    sing N N 58  
ASP CA  CB   sing N N 59  
ASP CA  HA   sing N N 60  
ASP C   O    doub N N 61  
ASP C   OXT  sing N N 62  
ASP CB  CG   sing N N 63  
ASP CB  HB2  sing N N 64  
ASP CB  HB3  sing N N 65  
ASP CG  OD1  doub N N 66  
ASP CG  OD2  sing N N 67  
ASP OD2 HD2  sing N N 68  
ASP OXT HXT  sing N N 69  
CYS N   CA   sing N N 70  
CYS N   H    sing N N 71  
CYS N   H2   sing N N 72  
CYS CA  C    sing N N 73  
CYS CA  CB   sing N N 74  
CYS CA  HA   sing N N 75  
CYS C   O    doub N N 76  
CYS C   OXT  sing N N 77  
CYS CB  SG   sing N N 78  
CYS CB  HB2  sing N N 79  
CYS CB  HB3  sing N N 80  
CYS SG  HG   sing N N 81  
CYS OXT HXT  sing N N 82  
GLN N   CA   sing N N 83  
GLN N   H    sing N N 84  
GLN N   H2   sing N N 85  
GLN CA  C    sing N N 86  
GLN CA  CB   sing N N 87  
GLN CA  HA   sing N N 88  
GLN C   O    doub N N 89  
GLN C   OXT  sing N N 90  
GLN CB  CG   sing N N 91  
GLN CB  HB2  sing N N 92  
GLN CB  HB3  sing N N 93  
GLN CG  CD   sing N N 94  
GLN CG  HG2  sing N N 95  
GLN CG  HG3  sing N N 96  
GLN CD  OE1  doub N N 97  
GLN CD  NE2  sing N N 98  
GLN NE2 HE21 sing N N 99  
GLN NE2 HE22 sing N N 100 
GLN OXT HXT  sing N N 101 
GLU N   CA   sing N N 102 
GLU N   H    sing N N 103 
GLU N   H2   sing N N 104 
GLU CA  C    sing N N 105 
GLU CA  CB   sing N N 106 
GLU CA  HA   sing N N 107 
GLU C   O    doub N N 108 
GLU C   OXT  sing N N 109 
GLU CB  CG   sing N N 110 
GLU CB  HB2  sing N N 111 
GLU CB  HB3  sing N N 112 
GLU CG  CD   sing N N 113 
GLU CG  HG2  sing N N 114 
GLU CG  HG3  sing N N 115 
GLU CD  OE1  doub N N 116 
GLU CD  OE2  sing N N 117 
GLU OE2 HE2  sing N N 118 
GLU OXT HXT  sing N N 119 
GLY N   CA   sing N N 120 
GLY N   H    sing N N 121 
GLY N   H2   sing N N 122 
GLY CA  C    sing N N 123 
GLY CA  HA2  sing N N 124 
GLY CA  HA3  sing N N 125 
GLY C   O    doub N N 126 
GLY C   OXT  sing N N 127 
GLY OXT HXT  sing N N 128 
HIS N   CA   sing N N 129 
HIS N   H    sing N N 130 
HIS N   H2   sing N N 131 
HIS CA  C    sing N N 132 
HIS CA  CB   sing N N 133 
HIS CA  HA   sing N N 134 
HIS C   O    doub N N 135 
HIS C   OXT  sing N N 136 
HIS CB  CG   sing N N 137 
HIS CB  HB2  sing N N 138 
HIS CB  HB3  sing N N 139 
HIS CG  ND1  sing Y N 140 
HIS CG  CD2  doub Y N 141 
HIS ND1 CE1  doub Y N 142 
HIS ND1 HD1  sing N N 143 
HIS CD2 NE2  sing Y N 144 
HIS CD2 HD2  sing N N 145 
HIS CE1 NE2  sing Y N 146 
HIS CE1 HE1  sing N N 147 
HIS NE2 HE2  sing N N 148 
HIS OXT HXT  sing N N 149 
HOH O   H1   sing N N 150 
HOH O   H2   sing N N 151 
ILE N   CA   sing N N 152 
ILE N   H    sing N N 153 
ILE N   H2   sing N N 154 
ILE CA  C    sing N N 155 
ILE CA  CB   sing N N 156 
ILE CA  HA   sing N N 157 
ILE C   O    doub N N 158 
ILE C   OXT  sing N N 159 
ILE CB  CG1  sing N N 160 
ILE CB  CG2  sing N N 161 
ILE CB  HB   sing N N 162 
ILE CG1 CD1  sing N N 163 
ILE CG1 HG12 sing N N 164 
ILE CG1 HG13 sing N N 165 
ILE CG2 HG21 sing N N 166 
ILE CG2 HG22 sing N N 167 
ILE CG2 HG23 sing N N 168 
ILE CD1 HD11 sing N N 169 
ILE CD1 HD12 sing N N 170 
ILE CD1 HD13 sing N N 171 
ILE OXT HXT  sing N N 172 
LEU N   CA   sing N N 173 
LEU N   H    sing N N 174 
LEU N   H2   sing N N 175 
LEU CA  C    sing N N 176 
LEU CA  CB   sing N N 177 
LEU CA  HA   sing N N 178 
LEU C   O    doub N N 179 
LEU C   OXT  sing N N 180 
LEU CB  CG   sing N N 181 
LEU CB  HB2  sing N N 182 
LEU CB  HB3  sing N N 183 
LEU CG  CD1  sing N N 184 
LEU CG  CD2  sing N N 185 
LEU CG  HG   sing N N 186 
LEU CD1 HD11 sing N N 187 
LEU CD1 HD12 sing N N 188 
LEU CD1 HD13 sing N N 189 
LEU CD2 HD21 sing N N 190 
LEU CD2 HD22 sing N N 191 
LEU CD2 HD23 sing N N 192 
LEU OXT HXT  sing N N 193 
LYS N   CA   sing N N 194 
LYS N   H    sing N N 195 
LYS N   H2   sing N N 196 
LYS CA  C    sing N N 197 
LYS CA  CB   sing N N 198 
LYS CA  HA   sing N N 199 
LYS C   O    doub N N 200 
LYS C   OXT  sing N N 201 
LYS CB  CG   sing N N 202 
LYS CB  HB2  sing N N 203 
LYS CB  HB3  sing N N 204 
LYS CG  CD   sing N N 205 
LYS CG  HG2  sing N N 206 
LYS CG  HG3  sing N N 207 
LYS CD  CE   sing N N 208 
LYS CD  HD2  sing N N 209 
LYS CD  HD3  sing N N 210 
LYS CE  NZ   sing N N 211 
LYS CE  HE2  sing N N 212 
LYS CE  HE3  sing N N 213 
LYS NZ  HZ1  sing N N 214 
LYS NZ  HZ2  sing N N 215 
LYS NZ  HZ3  sing N N 216 
LYS OXT HXT  sing N N 217 
M3L N   CA   sing N N 218 
M3L N   H    sing N N 219 
M3L N   H2   sing N N 220 
M3L CA  CB   sing N N 221 
M3L CA  C    sing N N 222 
M3L CA  HA   sing N N 223 
M3L CB  CG   sing N N 224 
M3L CB  HB2  sing N N 225 
M3L CB  HB3  sing N N 226 
M3L CG  CD   sing N N 227 
M3L CG  HG2  sing N N 228 
M3L CG  HG3  sing N N 229 
M3L CD  CE   sing N N 230 
M3L CD  HD2  sing N N 231 
M3L CD  HD3  sing N N 232 
M3L CE  NZ   sing N N 233 
M3L CE  HE2  sing N N 234 
M3L CE  HE3  sing N N 235 
M3L NZ  CM1  sing N N 236 
M3L NZ  CM2  sing N N 237 
M3L NZ  CM3  sing N N 238 
M3L C   O    doub N N 239 
M3L C   OXT  sing N N 240 
M3L OXT HXT  sing N N 241 
M3L CM1 HM11 sing N N 242 
M3L CM1 HM12 sing N N 243 
M3L CM1 HM13 sing N N 244 
M3L CM2 HM21 sing N N 245 
M3L CM2 HM22 sing N N 246 
M3L CM2 HM23 sing N N 247 
M3L CM3 HM31 sing N N 248 
M3L CM3 HM32 sing N N 249 
M3L CM3 HM33 sing N N 250 
MET N   CA   sing N N 251 
MET N   H    sing N N 252 
MET N   H2   sing N N 253 
MET CA  C    sing N N 254 
MET CA  CB   sing N N 255 
MET CA  HA   sing N N 256 
MET C   O    doub N N 257 
MET C   OXT  sing N N 258 
MET CB  CG   sing N N 259 
MET CB  HB2  sing N N 260 
MET CB  HB3  sing N N 261 
MET CG  SD   sing N N 262 
MET CG  HG2  sing N N 263 
MET CG  HG3  sing N N 264 
MET SD  CE   sing N N 265 
MET CE  HE1  sing N N 266 
MET CE  HE2  sing N N 267 
MET CE  HE3  sing N N 268 
MET OXT HXT  sing N N 269 
PHE N   CA   sing N N 270 
PHE N   H    sing N N 271 
PHE N   H2   sing N N 272 
PHE CA  C    sing N N 273 
PHE CA  CB   sing N N 274 
PHE CA  HA   sing N N 275 
PHE C   O    doub N N 276 
PHE C   OXT  sing N N 277 
PHE CB  CG   sing N N 278 
PHE CB  HB2  sing N N 279 
PHE CB  HB3  sing N N 280 
PHE CG  CD1  doub Y N 281 
PHE CG  CD2  sing Y N 282 
PHE CD1 CE1  sing Y N 283 
PHE CD1 HD1  sing N N 284 
PHE CD2 CE2  doub Y N 285 
PHE CD2 HD2  sing N N 286 
PHE CE1 CZ   doub Y N 287 
PHE CE1 HE1  sing N N 288 
PHE CE2 CZ   sing Y N 289 
PHE CE2 HE2  sing N N 290 
PHE CZ  HZ   sing N N 291 
PHE OXT HXT  sing N N 292 
PRO N   CA   sing N N 293 
PRO N   CD   sing N N 294 
PRO N   H    sing N N 295 
PRO CA  C    sing N N 296 
PRO CA  CB   sing N N 297 
PRO CA  HA   sing N N 298 
PRO C   O    doub N N 299 
PRO C   OXT  sing N N 300 
PRO CB  CG   sing N N 301 
PRO CB  HB2  sing N N 302 
PRO CB  HB3  sing N N 303 
PRO CG  CD   sing N N 304 
PRO CG  HG2  sing N N 305 
PRO CG  HG3  sing N N 306 
PRO CD  HD2  sing N N 307 
PRO CD  HD3  sing N N 308 
PRO OXT HXT  sing N N 309 
SER N   CA   sing N N 310 
SER N   H    sing N N 311 
SER N   H2   sing N N 312 
SER CA  C    sing N N 313 
SER CA  CB   sing N N 314 
SER CA  HA   sing N N 315 
SER C   O    doub N N 316 
SER C   OXT  sing N N 317 
SER CB  OG   sing N N 318 
SER CB  HB2  sing N N 319 
SER CB  HB3  sing N N 320 
SER OG  HG   sing N N 321 
SER OXT HXT  sing N N 322 
THR N   CA   sing N N 323 
THR N   H    sing N N 324 
THR N   H2   sing N N 325 
THR CA  C    sing N N 326 
THR CA  CB   sing N N 327 
THR CA  HA   sing N N 328 
THR C   O    doub N N 329 
THR C   OXT  sing N N 330 
THR CB  OG1  sing N N 331 
THR CB  CG2  sing N N 332 
THR CB  HB   sing N N 333 
THR OG1 HG1  sing N N 334 
THR CG2 HG21 sing N N 335 
THR CG2 HG22 sing N N 336 
THR CG2 HG23 sing N N 337 
THR OXT HXT  sing N N 338 
TRP N   CA   sing N N 339 
TRP N   H    sing N N 340 
TRP N   H2   sing N N 341 
TRP CA  C    sing N N 342 
TRP CA  CB   sing N N 343 
TRP CA  HA   sing N N 344 
TRP C   O    doub N N 345 
TRP C   OXT  sing N N 346 
TRP CB  CG   sing N N 347 
TRP CB  HB2  sing N N 348 
TRP CB  HB3  sing N N 349 
TRP CG  CD1  doub Y N 350 
TRP CG  CD2  sing Y N 351 
TRP CD1 NE1  sing Y N 352 
TRP CD1 HD1  sing N N 353 
TRP CD2 CE2  doub Y N 354 
TRP CD2 CE3  sing Y N 355 
TRP NE1 CE2  sing Y N 356 
TRP NE1 HE1  sing N N 357 
TRP CE2 CZ2  sing Y N 358 
TRP CE3 CZ3  doub Y N 359 
TRP CE3 HE3  sing N N 360 
TRP CZ2 CH2  doub Y N 361 
TRP CZ2 HZ2  sing N N 362 
TRP CZ3 CH2  sing Y N 363 
TRP CZ3 HZ3  sing N N 364 
TRP CH2 HH2  sing N N 365 
TRP OXT HXT  sing N N 366 
TYR N   CA   sing N N 367 
TYR N   H    sing N N 368 
TYR N   H2   sing N N 369 
TYR CA  C    sing N N 370 
TYR CA  CB   sing N N 371 
TYR CA  HA   sing N N 372 
TYR C   O    doub N N 373 
TYR C   OXT  sing N N 374 
TYR CB  CG   sing N N 375 
TYR CB  HB2  sing N N 376 
TYR CB  HB3  sing N N 377 
TYR CG  CD1  doub Y N 378 
TYR CG  CD2  sing Y N 379 
TYR CD1 CE1  sing Y N 380 
TYR CD1 HD1  sing N N 381 
TYR CD2 CE2  doub Y N 382 
TYR CD2 HD2  sing N N 383 
TYR CE1 CZ   doub Y N 384 
TYR CE1 HE1  sing N N 385 
TYR CE2 CZ   sing Y N 386 
TYR CE2 HE2  sing N N 387 
TYR CZ  OH   sing N N 388 
TYR OH  HH   sing N N 389 
TYR OXT HXT  sing N N 390 
VAL N   CA   sing N N 391 
VAL N   H    sing N N 392 
VAL N   H2   sing N N 393 
VAL CA  C    sing N N 394 
VAL CA  CB   sing N N 395 
VAL CA  HA   sing N N 396 
VAL C   O    doub N N 397 
VAL C   OXT  sing N N 398 
VAL CB  CG1  sing N N 399 
VAL CB  CG2  sing N N 400 
VAL CB  HB   sing N N 401 
VAL CG1 HG11 sing N N 402 
VAL CG1 HG12 sing N N 403 
VAL CG1 HG13 sing N N 404 
VAL CG2 HG21 sing N N 405 
VAL CG2 HG22 sing N N 406 
VAL CG2 HG23 sing N N 407 
VAL OXT HXT  sing N N 408 
# 
_pdbx_entity_nonpoly.entity_id   3 
_pdbx_entity_nonpoly.name        water 
_pdbx_entity_nonpoly.comp_id     HOH 
# 
_pdbx_initial_refinement_model.id               1 
_pdbx_initial_refinement_model.entity_id_list   ? 
_pdbx_initial_refinement_model.type             'experimental model' 
_pdbx_initial_refinement_model.source_name      PDB 
_pdbx_initial_refinement_model.accession_code   3F2U 
_pdbx_initial_refinement_model.details          ? 
# 
